data_9G89
#
_entry.id   9G89
#
_cell.length_a   71.68
_cell.length_b   84.676
_cell.length_c   106.571
_cell.angle_alpha   90
_cell.angle_beta   108.349
_cell.angle_gamma   90
#
_symmetry.space_group_name_H-M   'P 1 21 1'
#
loop_
_entity.id
_entity.type
_entity.pdbx_description
1 polymer 'Lignostilbene dioxygenase'
2 non-polymer 4-hydroxy-3-methoxybenzaldehyde
3 non-polymer GLYCEROL
4 non-polymer 'FE (II) ION'
5 water water
#
_entity_poly.entity_id   1
_entity_poly.type   'polypeptide(L)'
_entity_poly.pdbx_seq_one_letter_code
;MWSHPQFEKAPTATQEPVPVPVTSKAAPSHGYVHPTDILPSGWPTATDLSGGAQPRRFEGTIFDVMTRGTIPKELHGTFY
RIMPDYAQPPTYYKGGELNAPIDGDGTVAAFRFKDGKVDYRQRFVETDRFKVERRARKSMYGLYRNPYTHHPCVRQTVES
TANTNVVMHAGRFLAMKENGNAYEMDPHTLKTLGYNPFNLPSKTMTAHPKQCSVTGNLVGFGYEAKGLATKDVYYFEVDP
SGKVVRDLWLEAPWCAFIHDCALTPNYLVLMLWPFEANLERMKAGGHHWAYDYTKPITWITIPRGAKSKDEVKYWHWKNG
MPIHTASGFEDEQGRIIIDSSLVHGNAFPFFPPDSDEQKKKQEADGTPKAQFVRWTIDPRKDNNEQLPDPEVILDTPSEF
PQIDNRFMGVEYSSAFINVFVPDRSDGNKNVFQGLNGLAHYKRKEGTTEWYYAGDNCLIQEPVFSPRSKDAPEGDGFVLA
IVDRLDLNRSEVVVIDTRDFTKAVAAVQLPFAIRSGIHGQWIPGEVTPDFETKGLVDLPKEEHWAPLSQSPYDPDA
;
_entity_poly.pdbx_strand_id   A,B
#
loop_
_chem_comp.id
_chem_comp.type
_chem_comp.name
_chem_comp.formula
FE2 non-polymer 'FE (II) ION' 'Fe 2'
GOL non-polymer GLYCEROL 'C3 H8 O3'
V55 non-polymer 4-hydroxy-3-methoxybenzaldehyde 'C8 H8 O3'
#
# COMPACT_ATOMS: atom_id res chain seq x y z
N TYR A 32 17.36 -10.19 -20.45
CA TYR A 32 16.06 -10.75 -20.93
C TYR A 32 15.32 -11.35 -19.74
N VAL A 33 16.05 -12.07 -18.86
CA VAL A 33 15.53 -12.61 -17.61
C VAL A 33 16.33 -12.00 -16.45
N HIS A 34 15.62 -11.40 -15.48
CA HIS A 34 16.27 -10.82 -14.32
C HIS A 34 16.83 -11.94 -13.43
N PRO A 35 18.14 -11.93 -13.03
CA PRO A 35 18.68 -12.96 -12.13
C PRO A 35 17.87 -13.24 -10.88
N THR A 36 17.33 -12.20 -10.21
CA THR A 36 16.57 -12.41 -8.99
C THR A 36 15.21 -13.06 -9.25
N ASP A 37 14.74 -13.00 -10.51
CA ASP A 37 13.44 -13.58 -10.87
C ASP A 37 13.45 -15.09 -10.91
N ILE A 38 14.64 -15.71 -10.98
CA ILE A 38 14.72 -17.16 -10.94
C ILE A 38 14.98 -17.65 -9.52
N LEU A 39 15.08 -16.74 -8.54
CA LEU A 39 15.09 -17.15 -7.14
C LEU A 39 13.74 -17.75 -6.77
N PRO A 40 13.72 -18.87 -6.01
CA PRO A 40 12.48 -19.60 -5.74
C PRO A 40 11.52 -18.85 -4.85
N SER A 41 10.24 -18.98 -5.18
CA SER A 41 9.14 -18.49 -4.36
C SER A 41 8.57 -19.69 -3.61
N GLY A 42 8.11 -19.42 -2.38
CA GLY A 42 7.39 -20.36 -1.53
C GLY A 42 5.86 -20.24 -1.74
N TRP A 43 5.41 -19.41 -2.69
CA TRP A 43 3.98 -19.22 -2.87
C TRP A 43 3.43 -20.22 -3.87
N PRO A 44 2.26 -20.87 -3.60
CA PRO A 44 1.53 -21.50 -4.68
C PRO A 44 0.81 -20.44 -5.52
N THR A 45 0.34 -20.81 -6.71
CA THR A 45 -0.42 -19.84 -7.51
C THR A 45 -1.74 -19.55 -6.80
N ALA A 46 -1.94 -18.28 -6.42
CA ALA A 46 -3.13 -17.91 -5.65
C ALA A 46 -3.95 -16.92 -6.46
N THR A 47 -4.85 -17.48 -7.30
CA THR A 47 -5.61 -16.64 -8.23
C THR A 47 -6.78 -15.98 -7.47
N ASP A 48 -7.29 -14.88 -8.03
CA ASP A 48 -8.62 -14.37 -7.70
C ASP A 48 -9.52 -14.67 -8.90
N LEU A 49 -10.81 -14.23 -8.87
CA LEU A 49 -11.74 -14.68 -9.91
C LEU A 49 -11.36 -14.18 -11.31
N SER A 50 -10.65 -13.04 -11.37
CA SER A 50 -10.17 -12.50 -12.63
C SER A 50 -9.11 -13.39 -13.29
N GLY A 51 -8.48 -14.29 -12.52
CA GLY A 51 -7.36 -15.09 -13.00
C GLY A 51 -6.02 -14.49 -12.57
N GLY A 52 -6.03 -13.24 -12.07
CA GLY A 52 -4.80 -12.59 -11.63
C GLY A 52 -4.25 -13.29 -10.38
N ALA A 53 -2.92 -13.38 -10.25
CA ALA A 53 -2.35 -14.20 -9.20
C ALA A 53 -1.37 -13.43 -8.33
N GLN A 54 -1.39 -12.09 -8.36
CA GLN A 54 -0.42 -11.34 -7.59
C GLN A 54 -1.00 -11.08 -6.19
N PRO A 55 -0.39 -11.61 -5.09
CA PRO A 55 -0.78 -11.22 -3.74
C PRO A 55 -0.54 -9.73 -3.51
N ARG A 56 -1.50 -9.08 -2.83
CA ARG A 56 -1.38 -7.66 -2.54
C ARG A 56 -1.16 -7.48 -1.03
N ARG A 57 -2.25 -7.63 -0.27
CA ARG A 57 -2.20 -7.88 1.17
C ARG A 57 -1.85 -6.62 1.98
N PHE A 58 -1.91 -5.43 1.37
N PHE A 58 -2.02 -5.43 1.34
CA PHE A 58 -1.53 -4.31 2.23
CA PHE A 58 -1.75 -4.14 1.98
C PHE A 58 -2.75 -3.84 3.00
C PHE A 58 -2.84 -3.83 2.99
N GLU A 59 -2.45 -3.33 4.19
CA GLU A 59 -3.42 -2.81 5.12
C GLU A 59 -2.99 -1.40 5.46
N GLY A 60 -3.86 -0.43 5.15
CA GLY A 60 -3.47 0.94 5.44
C GLY A 60 -4.35 1.91 4.65
N THR A 61 -3.84 3.15 4.52
CA THR A 61 -4.67 4.27 4.08
C THR A 61 -3.92 5.12 3.08
N ILE A 62 -4.72 5.89 2.34
CA ILE A 62 -4.24 7.05 1.59
C ILE A 62 -5.25 8.17 1.85
N PHE A 63 -4.71 9.31 2.30
CA PHE A 63 -5.52 10.49 2.53
C PHE A 63 -5.50 11.31 1.24
N ASP A 64 -6.69 11.67 0.74
CA ASP A 64 -6.82 12.51 -0.45
C ASP A 64 -6.18 11.83 -1.66
N VAL A 65 -6.77 10.69 -2.00
CA VAL A 65 -6.31 9.88 -3.11
C VAL A 65 -6.30 10.73 -4.38
N MET A 66 -5.26 10.54 -5.20
CA MET A 66 -5.13 11.29 -6.44
C MET A 66 -6.36 11.05 -7.33
N THR A 67 -6.92 12.14 -7.89
CA THR A 67 -8.09 11.98 -8.78
C THR A 67 -7.78 12.71 -10.09
N ARG A 68 -8.33 12.19 -11.19
CA ARG A 68 -8.26 12.86 -12.49
C ARG A 68 -9.70 13.25 -12.83
N GLY A 69 -9.91 14.51 -13.25
CA GLY A 69 -11.25 15.01 -13.55
C GLY A 69 -11.92 15.49 -12.28
N THR A 70 -13.24 15.70 -12.30
CA THR A 70 -13.89 16.31 -11.14
C THR A 70 -14.73 15.27 -10.41
N ILE A 71 -14.46 15.07 -9.11
CA ILE A 71 -15.31 14.19 -8.30
C ILE A 71 -16.67 14.87 -8.08
N PRO A 72 -17.80 14.25 -8.48
CA PRO A 72 -19.11 14.82 -8.22
C PRO A 72 -19.31 15.17 -6.75
N LYS A 73 -19.72 16.42 -6.48
CA LYS A 73 -20.06 16.82 -5.12
C LYS A 73 -21.27 16.06 -4.56
N GLU A 74 -22.08 15.46 -5.44
CA GLU A 74 -23.24 14.70 -5.03
C GLU A 74 -22.84 13.37 -4.36
N LEU A 75 -21.59 12.93 -4.53
CA LEU A 75 -21.17 11.69 -3.88
C LEU A 75 -20.89 11.96 -2.41
N HIS A 76 -21.66 11.29 -1.54
CA HIS A 76 -21.59 11.48 -0.10
C HIS A 76 -21.76 10.12 0.56
N GLY A 77 -20.65 9.40 0.71
CA GLY A 77 -20.77 8.01 1.13
C GLY A 77 -19.45 7.28 0.85
N THR A 78 -19.51 5.94 0.89
CA THR A 78 -18.31 5.14 0.80
C THR A 78 -18.60 4.00 -0.17
N PHE A 79 -17.68 3.78 -1.10
CA PHE A 79 -17.71 2.59 -1.93
C PHE A 79 -16.80 1.60 -1.20
N TYR A 80 -17.42 0.53 -0.67
CA TYR A 80 -16.63 -0.50 -0.01
C TYR A 80 -16.59 -1.68 -0.98
N ARG A 81 -15.37 -2.23 -1.19
CA ARG A 81 -15.27 -3.43 -2.01
C ARG A 81 -14.50 -4.50 -1.26
N ILE A 82 -14.81 -5.78 -1.53
CA ILE A 82 -14.16 -6.84 -0.78
C ILE A 82 -13.52 -7.79 -1.79
N MET A 83 -12.34 -8.29 -1.42
CA MET A 83 -11.53 -9.09 -2.32
C MET A 83 -10.99 -10.30 -1.56
N PRO A 84 -10.73 -11.41 -2.27
CA PRO A 84 -9.97 -12.50 -1.69
C PRO A 84 -8.48 -12.21 -1.87
N ASP A 85 -7.72 -12.25 -0.77
CA ASP A 85 -6.29 -11.97 -0.90
C ASP A 85 -5.62 -12.79 0.18
N TYR A 86 -5.36 -14.06 -0.11
CA TYR A 86 -4.73 -14.91 0.89
C TYR A 86 -3.59 -14.18 1.59
N ALA A 87 -3.69 -14.07 2.93
CA ALA A 87 -2.76 -13.30 3.73
C ALA A 87 -1.46 -14.06 3.92
N GLN A 88 -1.55 -15.40 4.04
CA GLN A 88 -0.38 -16.27 4.13
C GLN A 88 -0.38 -17.17 2.89
N PRO A 89 0.78 -17.63 2.39
CA PRO A 89 0.81 -18.60 1.29
C PRO A 89 0.06 -19.88 1.69
N PRO A 90 -1.02 -20.26 0.97
CA PRO A 90 -1.96 -21.25 1.49
C PRO A 90 -1.50 -22.71 1.36
N THR A 91 -0.33 -23.02 1.93
CA THR A 91 0.38 -24.25 1.56
C THR A 91 0.01 -25.44 2.45
N TYR A 92 -0.95 -25.30 3.37
CA TYR A 92 -1.28 -26.38 4.32
C TYR A 92 -1.55 -27.72 3.59
N TYR A 93 -2.50 -27.70 2.66
CA TYR A 93 -3.03 -28.92 2.06
C TYR A 93 -2.55 -29.06 0.63
N LYS A 94 -1.81 -30.16 0.36
CA LYS A 94 -1.29 -30.44 -0.99
C LYS A 94 -0.55 -29.19 -1.54
N GLY A 95 0.20 -28.50 -0.66
CA GLY A 95 1.04 -27.36 -1.06
C GLY A 95 0.21 -26.18 -1.58
N GLY A 96 -1.11 -26.17 -1.27
CA GLY A 96 -2.02 -25.15 -1.80
C GLY A 96 -2.34 -25.29 -3.29
N GLU A 97 -2.05 -26.46 -3.87
CA GLU A 97 -2.22 -26.68 -5.29
C GLU A 97 -3.69 -26.59 -5.73
N LEU A 98 -4.63 -26.88 -4.83
CA LEU A 98 -6.05 -26.85 -5.17
C LEU A 98 -6.80 -25.67 -4.53
N ASN A 99 -6.07 -24.63 -4.13
CA ASN A 99 -6.75 -23.43 -3.61
C ASN A 99 -7.61 -22.87 -4.72
N ALA A 100 -8.79 -22.34 -4.35
CA ALA A 100 -9.72 -21.85 -5.37
C ALA A 100 -9.70 -20.32 -5.35
N PRO A 101 -10.07 -19.61 -6.45
CA PRO A 101 -10.07 -18.15 -6.45
C PRO A 101 -11.01 -17.50 -5.46
N ILE A 102 -11.99 -18.29 -4.96
CA ILE A 102 -12.95 -17.82 -3.98
C ILE A 102 -12.50 -18.10 -2.55
N ASP A 103 -11.26 -18.61 -2.34
CA ASP A 103 -10.87 -19.04 -1.01
C ASP A 103 -10.24 -17.91 -0.16
N GLY A 104 -9.46 -16.98 -0.79
CA GLY A 104 -8.49 -16.17 -0.04
C GLY A 104 -9.12 -15.26 1.03
N ASP A 105 -8.34 -14.97 2.09
CA ASP A 105 -8.75 -14.11 3.21
C ASP A 105 -9.36 -12.80 2.68
N GLY A 106 -10.56 -12.47 3.20
CA GLY A 106 -11.27 -11.26 2.82
C GLY A 106 -10.52 -9.99 3.27
N THR A 107 -10.42 -9.04 2.33
CA THR A 107 -9.86 -7.74 2.67
C THR A 107 -10.82 -6.70 2.08
N VAL A 108 -11.11 -5.67 2.88
CA VAL A 108 -12.06 -4.66 2.43
C VAL A 108 -11.27 -3.41 2.07
N ALA A 109 -11.56 -2.86 0.90
CA ALA A 109 -11.07 -1.54 0.51
C ALA A 109 -12.26 -0.58 0.59
N ALA A 110 -12.05 0.56 1.25
CA ALA A 110 -13.08 1.59 1.35
C ALA A 110 -12.57 2.84 0.65
N PHE A 111 -13.46 3.41 -0.19
CA PHE A 111 -13.20 4.66 -0.88
C PHE A 111 -14.27 5.65 -0.46
N ARG A 112 -13.88 6.62 0.38
CA ARG A 112 -14.88 7.48 1.03
C ARG A 112 -14.87 8.83 0.31
N PHE A 113 -16.05 9.23 -0.19
CA PHE A 113 -16.28 10.45 -0.97
C PHE A 113 -17.07 11.42 -0.10
N LYS A 114 -16.48 12.61 0.08
CA LYS A 114 -17.09 13.65 0.90
C LYS A 114 -16.54 14.98 0.40
N ASP A 115 -17.45 15.79 -0.13
CA ASP A 115 -17.13 17.14 -0.62
C ASP A 115 -16.05 17.09 -1.69
N GLY A 116 -16.12 16.06 -2.55
CA GLY A 116 -15.21 15.96 -3.68
C GLY A 116 -13.85 15.37 -3.26
N LYS A 117 -13.61 15.10 -1.99
CA LYS A 117 -12.34 14.46 -1.59
C LYS A 117 -12.58 12.94 -1.48
N VAL A 118 -11.56 12.14 -1.80
CA VAL A 118 -11.64 10.69 -1.66
C VAL A 118 -10.51 10.23 -0.75
N ASP A 119 -10.86 9.43 0.27
CA ASP A 119 -9.85 8.75 1.07
C ASP A 119 -10.03 7.25 0.81
N TYR A 120 -8.95 6.53 1.08
CA TYR A 120 -8.90 5.08 0.91
C TYR A 120 -8.38 4.44 2.19
N ARG A 121 -8.96 3.30 2.53
CA ARG A 121 -8.43 2.45 3.58
C ARG A 121 -8.69 1.01 3.17
N GLN A 122 -7.69 0.17 3.44
CA GLN A 122 -7.86 -1.25 3.17
C GLN A 122 -7.43 -2.03 4.41
N ARG A 123 -8.19 -3.09 4.73
CA ARG A 123 -7.82 -3.90 5.87
C ARG A 123 -8.40 -5.29 5.71
N PHE A 124 -7.65 -6.27 6.25
CA PHE A 124 -8.18 -7.61 6.29
C PHE A 124 -9.26 -7.74 7.35
N VAL A 125 -10.28 -8.55 7.02
CA VAL A 125 -11.21 -9.01 8.05
C VAL A 125 -10.46 -9.92 9.01
N GLU A 126 -10.59 -9.64 10.33
CA GLU A 126 -9.91 -10.50 11.30
C GLU A 126 -10.81 -11.68 11.62
N THR A 127 -11.05 -12.56 10.62
CA THR A 127 -11.81 -13.78 10.84
C THR A 127 -11.02 -14.66 11.81
N ASP A 128 -11.71 -15.59 12.47
CA ASP A 128 -10.99 -16.57 13.29
C ASP A 128 -9.89 -17.26 12.51
N ARG A 129 -10.19 -17.58 11.24
CA ARG A 129 -9.20 -18.21 10.36
C ARG A 129 -7.98 -17.33 10.11
N PHE A 130 -8.24 -16.05 9.78
CA PHE A 130 -7.16 -15.14 9.53
C PHE A 130 -6.28 -15.03 10.77
N LYS A 131 -6.93 -14.89 11.95
CA LYS A 131 -6.16 -14.68 13.17
C LYS A 131 -5.27 -15.88 13.47
N VAL A 132 -5.82 -17.09 13.31
CA VAL A 132 -5.02 -18.29 13.52
C VAL A 132 -3.80 -18.25 12.61
N GLU A 133 -4.02 -17.97 11.33
CA GLU A 133 -2.93 -18.06 10.37
C GLU A 133 -1.88 -16.98 10.57
N ARG A 134 -2.33 -15.77 10.93
CA ARG A 134 -1.40 -14.67 11.10
C ARG A 134 -0.54 -14.94 12.35
N ARG A 135 -1.21 -15.38 13.43
CA ARG A 135 -0.49 -15.65 14.69
C ARG A 135 0.51 -16.79 14.51
N ALA A 136 0.16 -17.79 13.68
CA ALA A 136 1.07 -18.92 13.42
C ALA A 136 2.10 -18.62 12.32
N ARG A 137 1.88 -17.53 11.57
CA ARG A 137 2.59 -17.22 10.32
C ARG A 137 2.56 -18.45 9.39
N LYS A 138 1.39 -19.08 9.20
CA LYS A 138 1.37 -20.38 8.55
C LYS A 138 -0.07 -20.67 8.13
N SER A 139 -0.22 -21.20 6.90
CA SER A 139 -1.50 -21.73 6.42
C SER A 139 -1.88 -22.92 7.31
N MET A 140 -3.15 -22.99 7.73
CA MET A 140 -3.66 -24.05 8.57
C MET A 140 -5.01 -24.54 8.01
N TYR A 141 -5.37 -24.08 6.80
CA TYR A 141 -6.65 -24.45 6.22
C TYR A 141 -6.42 -25.04 4.85
N GLY A 142 -7.25 -26.02 4.49
CA GLY A 142 -7.11 -26.70 3.20
C GLY A 142 -8.13 -26.20 2.19
N LEU A 143 -8.83 -27.17 1.63
CA LEU A 143 -9.75 -26.93 0.51
C LEU A 143 -10.94 -26.09 0.98
N TYR A 144 -11.47 -25.33 0.01
CA TYR A 144 -12.69 -24.57 0.21
C TYR A 144 -13.75 -25.43 0.88
N ARG A 145 -14.24 -24.94 2.04
CA ARG A 145 -15.34 -25.55 2.81
C ARG A 145 -15.10 -27.04 3.10
N ASN A 146 -13.84 -27.46 3.33
CA ASN A 146 -13.61 -28.84 3.69
C ASN A 146 -12.76 -28.93 4.96
N PRO A 147 -13.37 -28.84 6.16
CA PRO A 147 -12.68 -29.06 7.42
C PRO A 147 -11.87 -30.36 7.57
N TYR A 148 -12.22 -31.41 6.81
CA TYR A 148 -11.45 -32.65 6.79
C TYR A 148 -10.06 -32.45 6.15
N THR A 149 -9.85 -31.31 5.49
CA THR A 149 -8.54 -30.93 4.97
C THR A 149 -7.91 -29.76 5.72
N HIS A 150 -8.48 -29.32 6.85
CA HIS A 150 -7.86 -28.29 7.66
C HIS A 150 -6.95 -28.94 8.69
N HIS A 151 -6.08 -28.10 9.24
CA HIS A 151 -5.20 -28.50 10.32
C HIS A 151 -6.06 -29.00 11.49
N PRO A 152 -5.69 -30.14 12.13
CA PRO A 152 -6.45 -30.70 13.24
C PRO A 152 -6.87 -29.70 14.32
N CYS A 153 -5.99 -28.74 14.64
CA CYS A 153 -6.22 -27.80 15.72
C CYS A 153 -7.29 -26.77 15.34
N VAL A 154 -7.63 -26.63 14.04
CA VAL A 154 -8.61 -25.61 13.64
C VAL A 154 -9.88 -26.21 13.03
N ARG A 155 -10.05 -27.55 13.08
CA ARG A 155 -11.17 -28.17 12.36
C ARG A 155 -12.51 -27.68 12.88
N GLN A 156 -12.57 -27.36 14.18
CA GLN A 156 -13.82 -26.96 14.82
C GLN A 156 -13.87 -25.44 14.99
N THR A 157 -13.22 -24.72 14.07
CA THR A 157 -13.32 -23.26 14.01
C THR A 157 -14.39 -22.92 12.97
N VAL A 158 -14.82 -21.66 12.98
CA VAL A 158 -15.48 -21.08 11.82
C VAL A 158 -14.39 -20.83 10.75
N GLU A 159 -14.60 -21.43 9.57
CA GLU A 159 -13.58 -21.49 8.55
C GLU A 159 -13.77 -20.39 7.50
N SER A 160 -14.83 -19.58 7.64
CA SER A 160 -15.11 -18.47 6.74
C SER A 160 -13.93 -17.51 6.61
N THR A 161 -13.62 -17.10 5.36
CA THR A 161 -12.67 -16.01 5.11
C THR A 161 -13.40 -14.69 4.88
N ALA A 162 -14.73 -14.68 4.97
CA ALA A 162 -15.51 -13.43 4.98
C ALA A 162 -15.03 -12.53 3.83
N ASN A 163 -15.16 -13.03 2.59
CA ASN A 163 -14.47 -12.39 1.47
C ASN A 163 -15.37 -12.09 0.29
N THR A 164 -16.71 -12.16 0.43
CA THR A 164 -17.60 -12.18 -0.73
C THR A 164 -18.35 -10.86 -0.85
N ASN A 165 -18.93 -10.35 0.23
CA ASN A 165 -19.77 -9.16 0.09
C ASN A 165 -19.85 -8.42 1.41
N VAL A 166 -20.36 -7.19 1.37
CA VAL A 166 -20.50 -6.35 2.54
C VAL A 166 -21.90 -5.75 2.57
N VAL A 167 -22.34 -5.32 3.77
CA VAL A 167 -23.62 -4.65 3.92
C VAL A 167 -23.52 -3.76 5.16
N MET A 168 -24.23 -2.61 5.11
CA MET A 168 -24.47 -1.81 6.30
C MET A 168 -25.96 -1.98 6.64
N HIS A 169 -26.23 -2.58 7.82
CA HIS A 169 -27.60 -2.84 8.23
C HIS A 169 -27.71 -2.57 9.72
N ALA A 170 -28.76 -1.80 10.13
CA ALA A 170 -29.00 -1.51 11.54
C ALA A 170 -27.75 -0.93 12.20
N GLY A 171 -27.06 -0.05 11.46
CA GLY A 171 -25.86 0.67 11.91
C GLY A 171 -24.63 -0.22 12.08
N ARG A 172 -24.66 -1.45 11.53
CA ARG A 172 -23.51 -2.35 11.66
C ARG A 172 -23.01 -2.67 10.26
N PHE A 173 -21.67 -2.66 10.12
CA PHE A 173 -21.04 -2.93 8.83
C PHE A 173 -20.51 -4.36 8.87
N LEU A 174 -20.93 -5.16 7.88
CA LEU A 174 -20.68 -6.61 7.93
C LEU A 174 -19.89 -7.07 6.73
N ALA A 175 -18.93 -8.00 6.94
CA ALA A 175 -18.29 -8.73 5.84
C ALA A 175 -18.84 -10.17 5.89
N MET A 176 -19.17 -10.71 4.70
CA MET A 176 -20.00 -11.92 4.60
C MET A 176 -19.34 -12.94 3.69
N LYS A 177 -19.51 -14.20 4.04
CA LYS A 177 -19.22 -15.35 3.17
C LYS A 177 -20.20 -16.44 3.63
N GLU A 178 -20.75 -17.18 2.67
CA GLU A 178 -21.93 -18.00 2.90
C GLU A 178 -21.67 -19.22 3.77
N ASN A 179 -20.38 -19.54 4.07
CA ASN A 179 -20.09 -20.69 4.93
C ASN A 179 -19.99 -20.33 6.42
N GLY A 180 -20.35 -19.10 6.79
CA GLY A 180 -20.43 -18.74 8.21
C GLY A 180 -21.34 -17.53 8.40
N ASN A 181 -21.59 -17.15 9.66
CA ASN A 181 -22.21 -15.86 9.90
C ASN A 181 -21.22 -14.72 9.57
N ALA A 182 -21.74 -13.49 9.56
CA ALA A 182 -20.98 -12.31 9.18
C ALA A 182 -19.98 -11.96 10.28
N TYR A 183 -18.91 -11.30 9.87
CA TYR A 183 -18.09 -10.57 10.83
C TYR A 183 -18.38 -9.08 10.72
N GLU A 184 -18.51 -8.41 11.86
CA GLU A 184 -18.76 -6.98 11.92
C GLU A 184 -17.42 -6.23 11.96
N MET A 185 -17.35 -5.13 11.21
CA MET A 185 -16.16 -4.30 11.26
C MET A 185 -16.60 -2.87 11.54
N ASP A 186 -15.67 -2.10 12.09
CA ASP A 186 -15.88 -0.65 12.23
C ASP A 186 -15.89 -0.03 10.85
N PRO A 187 -16.88 0.82 10.46
CA PRO A 187 -16.94 1.35 9.11
C PRO A 187 -15.92 2.42 8.74
N HIS A 188 -15.16 2.88 9.73
CA HIS A 188 -14.18 3.94 9.52
C HIS A 188 -12.77 3.37 9.61
N THR A 189 -12.50 2.54 10.62
CA THR A 189 -11.18 1.99 10.85
C THR A 189 -11.05 0.62 10.21
N LEU A 190 -12.20 0.01 9.91
CA LEU A 190 -12.27 -1.39 9.45
C LEU A 190 -11.71 -2.39 10.47
N LYS A 191 -11.58 -1.97 11.74
CA LYS A 191 -11.27 -2.92 12.81
C LYS A 191 -12.39 -3.94 12.94
N THR A 192 -12.02 -5.23 13.10
CA THR A 192 -13.02 -6.27 13.31
C THR A 192 -13.57 -6.17 14.74
N LEU A 193 -14.91 -6.23 14.85
CA LEU A 193 -15.61 -6.00 16.11
C LEU A 193 -16.22 -7.27 16.69
N GLY A 194 -16.49 -8.29 15.86
CA GLY A 194 -17.15 -9.48 16.38
C GLY A 194 -17.69 -10.35 15.26
N TYR A 195 -18.32 -11.46 15.69
CA TYR A 195 -18.91 -12.43 14.77
C TYR A 195 -20.39 -12.56 15.10
N ASN A 196 -21.19 -12.75 14.06
CA ASN A 196 -22.62 -13.06 14.16
C ASN A 196 -23.34 -11.99 14.98
N PRO A 197 -23.24 -10.70 14.57
CA PRO A 197 -23.80 -9.61 15.37
C PRO A 197 -25.31 -9.69 15.63
N PHE A 198 -26.06 -10.27 14.70
CA PHE A 198 -27.51 -10.45 14.86
C PHE A 198 -27.89 -11.78 15.54
N ASN A 199 -26.87 -12.54 15.97
CA ASN A 199 -27.06 -13.78 16.73
C ASN A 199 -27.99 -14.74 15.99
N LEU A 200 -27.77 -14.92 14.69
CA LEU A 200 -28.53 -15.92 13.96
C LEU A 200 -28.28 -17.31 14.53
N PRO A 201 -29.34 -18.16 14.60
CA PRO A 201 -29.20 -19.53 15.12
C PRO A 201 -28.57 -20.50 14.12
N SER A 202 -28.58 -20.14 12.84
CA SER A 202 -27.93 -20.99 11.85
C SER A 202 -26.41 -20.82 11.97
N LYS A 203 -25.67 -21.79 11.43
CA LYS A 203 -24.22 -21.68 11.43
C LYS A 203 -23.77 -20.77 10.28
N THR A 204 -24.69 -20.42 9.37
CA THR A 204 -24.28 -19.74 8.12
C THR A 204 -25.21 -18.58 7.86
N MET A 205 -24.70 -17.63 7.06
CA MET A 205 -25.59 -16.62 6.52
C MET A 205 -25.14 -16.38 5.08
N THR A 206 -26.11 -16.25 4.17
CA THR A 206 -25.80 -15.86 2.79
C THR A 206 -24.94 -14.59 2.77
N ALA A 207 -24.12 -14.47 1.73
CA ALA A 207 -23.42 -13.21 1.45
C ALA A 207 -24.28 -12.34 0.55
N HIS A 208 -25.51 -12.79 0.24
CA HIS A 208 -26.43 -12.02 -0.58
C HIS A 208 -27.75 -11.72 0.13
N PRO A 209 -27.75 -11.15 1.36
CA PRO A 209 -29.01 -10.71 1.92
C PRO A 209 -29.47 -9.44 1.24
N LYS A 210 -30.78 -9.20 1.25
CA LYS A 210 -31.33 -8.10 0.48
C LYS A 210 -32.02 -7.14 1.45
N GLN A 211 -31.73 -5.85 1.30
CA GLN A 211 -32.24 -4.86 2.21
C GLN A 211 -33.50 -4.28 1.59
N CYS A 212 -34.64 -4.71 2.14
CA CYS A 212 -35.97 -4.42 1.68
C CYS A 212 -36.21 -2.91 1.71
N SER A 213 -36.61 -2.35 0.58
CA SER A 213 -36.81 -0.89 0.52
C SER A 213 -38.17 -0.51 1.11
N VAL A 214 -39.03 -1.49 1.40
CA VAL A 214 -40.33 -1.24 2.00
C VAL A 214 -40.24 -1.28 3.52
N THR A 215 -39.71 -2.38 4.08
CA THR A 215 -39.68 -2.59 5.51
C THR A 215 -38.34 -2.13 6.10
N GLY A 216 -37.30 -2.07 5.25
CA GLY A 216 -35.96 -1.82 5.76
C GLY A 216 -35.31 -3.09 6.31
N ASN A 217 -36.04 -4.21 6.26
CA ASN A 217 -35.53 -5.47 6.78
C ASN A 217 -34.38 -6.00 5.93
N LEU A 218 -33.38 -6.58 6.61
CA LEU A 218 -32.37 -7.38 5.91
C LEU A 218 -32.94 -8.79 5.79
N VAL A 219 -33.23 -9.18 4.54
CA VAL A 219 -33.91 -10.44 4.28
C VAL A 219 -32.89 -11.40 3.70
N GLY A 220 -32.81 -12.59 4.29
CA GLY A 220 -31.82 -13.51 3.78
C GLY A 220 -32.06 -14.91 4.28
N PHE A 221 -31.00 -15.71 4.22
CA PHE A 221 -31.10 -17.14 4.51
C PHE A 221 -29.69 -17.63 4.82
N GLY A 222 -29.60 -18.87 5.31
CA GLY A 222 -28.28 -19.51 5.37
C GLY A 222 -28.54 -20.97 4.99
N TYR A 223 -27.68 -21.56 4.15
CA TYR A 223 -27.86 -22.97 3.79
C TYR A 223 -26.71 -23.74 4.42
N GLU A 224 -26.79 -25.08 4.41
CA GLU A 224 -25.98 -25.92 5.30
C GLU A 224 -26.08 -25.38 6.71
N ALA A 225 -27.31 -24.98 7.09
CA ALA A 225 -27.53 -24.20 8.29
C ALA A 225 -27.18 -24.98 9.57
N LYS A 226 -27.12 -26.33 9.48
CA LYS A 226 -26.81 -27.13 10.66
C LYS A 226 -25.44 -27.79 10.55
N GLY A 227 -24.63 -27.36 9.58
CA GLY A 227 -23.30 -27.95 9.51
C GLY A 227 -22.99 -28.52 8.12
N LEU A 228 -21.77 -29.06 7.97
CA LEU A 228 -21.28 -29.56 6.70
C LEU A 228 -22.26 -30.55 6.07
N ALA A 229 -22.61 -30.23 4.81
CA ALA A 229 -23.43 -31.02 3.91
C ALA A 229 -24.87 -31.18 4.39
N THR A 230 -25.34 -30.36 5.35
CA THR A 230 -26.72 -30.48 5.81
C THR A 230 -27.63 -29.84 4.75
N LYS A 231 -28.84 -30.38 4.62
CA LYS A 231 -29.82 -29.81 3.69
C LYS A 231 -30.62 -28.67 4.29
N ASP A 232 -30.44 -28.42 5.61
CA ASP A 232 -31.18 -27.37 6.29
C ASP A 232 -30.90 -25.98 5.72
N VAL A 233 -31.98 -25.23 5.55
CA VAL A 233 -31.96 -23.83 5.18
C VAL A 233 -32.72 -23.03 6.22
N TYR A 234 -32.12 -21.91 6.64
CA TYR A 234 -32.77 -21.01 7.60
C TYR A 234 -33.07 -19.70 6.87
N TYR A 235 -34.35 -19.31 6.82
CA TYR A 235 -34.74 -17.99 6.31
C TYR A 235 -34.87 -17.00 7.46
N PHE A 236 -34.56 -15.73 7.24
CA PHE A 236 -34.76 -14.72 8.28
C PHE A 236 -35.05 -13.36 7.66
N GLU A 237 -35.61 -12.47 8.51
CA GLU A 237 -35.63 -11.04 8.27
C GLU A 237 -35.17 -10.39 9.57
N VAL A 238 -34.10 -9.59 9.47
CA VAL A 238 -33.57 -8.79 10.57
C VAL A 238 -34.10 -7.39 10.35
N ASP A 239 -34.81 -6.88 11.37
CA ASP A 239 -35.44 -5.57 11.21
C ASP A 239 -34.40 -4.45 11.29
N PRO A 240 -34.77 -3.15 11.02
CA PRO A 240 -33.83 -2.03 11.12
C PRO A 240 -33.16 -1.83 12.47
N SER A 241 -33.68 -2.52 13.50
CA SER A 241 -33.15 -2.37 14.84
C SER A 241 -32.16 -3.48 15.14
N GLY A 242 -31.98 -4.43 14.21
CA GLY A 242 -30.98 -5.48 14.36
C GLY A 242 -31.50 -6.71 15.07
N LYS A 243 -32.81 -6.95 14.99
CA LYS A 243 -33.47 -8.09 15.64
C LYS A 243 -34.11 -8.99 14.58
N VAL A 244 -34.03 -10.32 14.76
CA VAL A 244 -34.74 -11.25 13.88
C VAL A 244 -36.24 -11.13 14.21
N VAL A 245 -37.03 -10.73 13.23
CA VAL A 245 -38.46 -10.50 13.39
C VAL A 245 -39.27 -11.59 12.69
N ARG A 246 -38.65 -12.29 11.73
CA ARG A 246 -39.30 -13.37 11.00
C ARG A 246 -38.23 -14.41 10.73
N ASP A 247 -38.58 -15.69 10.87
CA ASP A 247 -37.64 -16.71 10.40
C ASP A 247 -38.38 -18.01 10.11
N LEU A 248 -37.65 -19.01 9.62
CA LEU A 248 -38.26 -20.29 9.24
C LEU A 248 -37.14 -21.26 8.98
N TRP A 249 -37.28 -22.48 9.50
CA TRP A 249 -36.39 -23.57 9.13
C TRP A 249 -37.05 -24.42 8.06
N LEU A 250 -36.28 -24.77 7.03
CA LEU A 250 -36.77 -25.55 5.90
C LEU A 250 -35.59 -26.37 5.37
N GLU A 251 -35.79 -27.02 4.21
CA GLU A 251 -34.70 -27.78 3.60
C GLU A 251 -34.68 -27.49 2.11
N ALA A 252 -33.49 -27.67 1.51
CA ALA A 252 -33.36 -27.72 0.08
C ALA A 252 -33.56 -29.17 -0.38
N PRO A 253 -33.97 -29.38 -1.67
CA PRO A 253 -34.19 -30.73 -2.20
C PRO A 253 -32.93 -31.60 -2.19
N TRP A 254 -31.76 -30.95 -2.32
CA TRP A 254 -30.48 -31.64 -2.12
C TRP A 254 -29.56 -30.61 -1.47
N CYS A 255 -28.37 -31.03 -1.04
CA CYS A 255 -27.46 -30.07 -0.44
C CYS A 255 -26.82 -29.33 -1.62
N ALA A 256 -27.42 -28.17 -1.94
CA ALA A 256 -27.12 -27.40 -3.13
C ALA A 256 -26.35 -26.15 -2.77
N PHE A 257 -25.62 -25.63 -3.75
CA PHE A 257 -24.85 -24.40 -3.60
C PHE A 257 -25.82 -23.25 -3.88
N ILE A 258 -26.34 -22.64 -2.80
CA ILE A 258 -27.35 -21.60 -2.90
C ILE A 258 -26.66 -20.25 -2.64
N HIS A 259 -26.09 -19.69 -3.69
CA HIS A 259 -25.24 -18.52 -3.53
C HIS A 259 -26.06 -17.24 -3.38
N ASP A 260 -27.11 -17.10 -4.20
CA ASP A 260 -27.83 -15.83 -4.28
C ASP A 260 -29.34 -16.12 -4.20
N CYS A 261 -30.10 -15.03 -4.22
CA CYS A 261 -31.54 -15.08 -4.06
C CYS A 261 -32.11 -13.81 -4.69
N ALA A 262 -33.47 -13.76 -4.68
CA ALA A 262 -34.12 -12.52 -5.11
C ALA A 262 -35.22 -12.19 -4.11
N LEU A 263 -35.31 -10.89 -3.78
CA LEU A 263 -36.35 -10.42 -2.88
C LEU A 263 -37.46 -9.79 -3.72
N THR A 264 -38.71 -10.15 -3.39
CA THR A 264 -39.89 -9.49 -3.92
C THR A 264 -40.78 -9.05 -2.75
N PRO A 265 -41.92 -8.32 -3.00
CA PRO A 265 -42.73 -7.86 -1.87
C PRO A 265 -43.19 -8.96 -0.94
N ASN A 266 -43.46 -10.14 -1.52
CA ASN A 266 -44.11 -11.23 -0.79
C ASN A 266 -43.23 -12.48 -0.64
N TYR A 267 -42.02 -12.49 -1.24
CA TYR A 267 -41.25 -13.73 -1.26
C TYR A 267 -39.75 -13.45 -1.14
N LEU A 268 -39.06 -14.41 -0.53
CA LEU A 268 -37.62 -14.55 -0.79
C LEU A 268 -37.49 -15.76 -1.70
N VAL A 269 -36.74 -15.60 -2.80
CA VAL A 269 -36.62 -16.71 -3.74
C VAL A 269 -35.16 -17.16 -3.79
N LEU A 270 -34.90 -18.41 -3.40
CA LEU A 270 -33.53 -18.90 -3.38
C LEU A 270 -33.17 -19.49 -4.73
N MET A 271 -31.90 -19.33 -5.13
CA MET A 271 -31.48 -19.79 -6.45
C MET A 271 -30.45 -20.92 -6.27
N LEU A 272 -30.79 -22.14 -6.66
CA LEU A 272 -29.90 -23.28 -6.44
C LEU A 272 -29.05 -23.51 -7.69
N TRP A 273 -27.72 -23.51 -7.50
CA TRP A 273 -26.78 -23.94 -8.52
C TRP A 273 -26.70 -25.46 -8.55
N PRO A 274 -26.36 -26.04 -9.73
CA PRO A 274 -26.27 -27.49 -9.88
C PRO A 274 -24.95 -28.05 -9.37
N PHE A 275 -24.64 -27.77 -8.11
CA PHE A 275 -23.54 -28.44 -7.44
C PHE A 275 -24.17 -29.18 -6.27
N GLU A 276 -23.57 -30.31 -5.91
CA GLU A 276 -24.02 -31.03 -4.73
C GLU A 276 -22.82 -31.29 -3.83
N ALA A 277 -23.09 -31.21 -2.51
CA ALA A 277 -22.07 -31.51 -1.51
C ALA A 277 -22.14 -32.99 -1.15
N ASN A 278 -20.99 -33.56 -0.78
CA ASN A 278 -20.94 -34.96 -0.43
C ASN A 278 -19.95 -35.09 0.72
N LEU A 279 -20.46 -35.46 1.89
CA LEU A 279 -19.64 -35.61 3.09
C LEU A 279 -18.57 -36.68 2.91
N GLU A 280 -18.90 -37.82 2.28
CA GLU A 280 -17.92 -38.90 2.08
C GLU A 280 -16.75 -38.43 1.21
N ARG A 281 -17.05 -37.66 0.15
CA ARG A 281 -16.03 -37.09 -0.70
C ARG A 281 -15.14 -36.14 0.12
N MET A 282 -15.75 -35.30 0.97
CA MET A 282 -14.95 -34.41 1.78
C MET A 282 -14.04 -35.19 2.72
N LYS A 283 -14.60 -36.21 3.37
CA LYS A 283 -13.80 -36.98 4.33
C LYS A 283 -12.62 -37.65 3.63
N ALA A 284 -12.80 -37.96 2.35
CA ALA A 284 -11.73 -38.57 1.55
C ALA A 284 -10.73 -37.52 1.01
N GLY A 285 -10.94 -36.24 1.35
CA GLY A 285 -9.96 -35.22 1.01
C GLY A 285 -10.30 -34.53 -0.33
N GLY A 286 -11.52 -34.73 -0.82
CA GLY A 286 -12.01 -34.16 -2.07
C GLY A 286 -12.76 -32.83 -1.83
N HIS A 287 -13.19 -32.18 -2.90
CA HIS A 287 -13.86 -30.89 -2.77
C HIS A 287 -15.27 -31.02 -2.17
N HIS A 288 -15.67 -29.93 -1.52
CA HIS A 288 -17.01 -29.79 -0.97
C HIS A 288 -18.08 -30.03 -2.04
N TRP A 289 -17.95 -29.36 -3.18
CA TRP A 289 -18.91 -29.28 -4.25
C TRP A 289 -18.40 -30.06 -5.46
N ALA A 290 -19.34 -30.65 -6.21
CA ALA A 290 -19.07 -31.17 -7.54
C ALA A 290 -20.23 -30.73 -8.42
N TYR A 291 -19.92 -30.17 -9.59
CA TYR A 291 -20.95 -29.78 -10.54
C TYR A 291 -21.67 -31.04 -11.03
N ASP A 292 -22.99 -30.92 -11.23
CA ASP A 292 -23.76 -32.06 -11.70
C ASP A 292 -24.61 -31.62 -12.88
N TYR A 293 -24.24 -32.07 -14.10
CA TYR A 293 -25.00 -31.71 -15.29
C TYR A 293 -26.44 -32.23 -15.25
N THR A 294 -26.74 -33.21 -14.37
CA THR A 294 -28.10 -33.76 -14.28
C THR A 294 -29.02 -32.94 -13.39
N LYS A 295 -28.49 -31.99 -12.63
CA LYS A 295 -29.31 -31.18 -11.74
C LYS A 295 -29.91 -30.01 -12.52
N PRO A 296 -31.24 -29.78 -12.41
CA PRO A 296 -31.80 -28.59 -13.02
C PRO A 296 -31.61 -27.38 -12.12
N ILE A 297 -31.51 -26.19 -12.72
CA ILE A 297 -31.62 -24.97 -11.94
C ILE A 297 -32.92 -25.06 -11.15
N THR A 298 -32.85 -24.79 -9.84
CA THR A 298 -33.98 -24.97 -8.96
C THR A 298 -34.15 -23.69 -8.14
N TRP A 299 -35.41 -23.29 -7.94
CA TRP A 299 -35.73 -22.13 -7.12
C TRP A 299 -36.59 -22.58 -5.94
N ILE A 300 -36.34 -21.96 -4.78
CA ILE A 300 -37.15 -22.17 -3.58
C ILE A 300 -37.90 -20.88 -3.28
N THR A 301 -39.24 -20.86 -3.44
CA THR A 301 -39.99 -19.69 -3.03
C THR A 301 -40.34 -19.81 -1.54
N ILE A 302 -40.07 -18.75 -0.80
CA ILE A 302 -40.38 -18.70 0.63
C ILE A 302 -41.29 -17.50 0.82
N PRO A 303 -42.61 -17.72 1.07
CA PRO A 303 -43.48 -16.60 1.41
C PRO A 303 -42.92 -15.84 2.61
N ARG A 304 -42.81 -14.50 2.49
CA ARG A 304 -42.23 -13.73 3.59
C ARG A 304 -43.13 -13.84 4.83
N GLY A 305 -42.53 -14.05 5.98
CA GLY A 305 -43.24 -14.33 7.23
C GLY A 305 -44.00 -15.67 7.24
N ALA A 306 -43.66 -16.65 6.37
CA ALA A 306 -44.29 -17.96 6.37
C ALA A 306 -44.25 -18.59 7.76
N LYS A 307 -45.36 -19.26 8.13
CA LYS A 307 -45.48 -19.88 9.45
C LYS A 307 -45.12 -21.36 9.44
N SER A 308 -44.98 -21.94 8.25
CA SER A 308 -44.74 -23.35 8.09
C SER A 308 -43.91 -23.58 6.83
N LYS A 309 -43.01 -24.57 6.88
CA LYS A 309 -42.24 -24.97 5.71
C LYS A 309 -43.15 -25.59 4.64
N ASP A 310 -44.40 -25.90 5.01
CA ASP A 310 -45.35 -26.39 4.00
C ASP A 310 -45.72 -25.32 2.99
N GLU A 311 -45.43 -24.05 3.30
CA GLU A 311 -45.74 -22.94 2.40
C GLU A 311 -44.65 -22.73 1.35
N VAL A 312 -43.49 -23.37 1.57
CA VAL A 312 -42.35 -23.23 0.66
C VAL A 312 -42.56 -24.16 -0.55
N LYS A 313 -42.17 -23.68 -1.75
CA LYS A 313 -42.26 -24.50 -2.95
C LYS A 313 -40.94 -24.54 -3.70
N TYR A 314 -40.70 -25.70 -4.32
CA TYR A 314 -39.54 -25.89 -5.21
C TYR A 314 -39.96 -25.80 -6.68
N TRP A 315 -39.21 -25.03 -7.48
CA TRP A 315 -39.47 -24.84 -8.89
C TRP A 315 -38.23 -25.28 -9.67
N HIS A 316 -38.38 -25.83 -10.88
CA HIS A 316 -37.19 -26.27 -11.59
C HIS A 316 -37.22 -25.83 -13.04
N TRP A 317 -36.03 -25.65 -13.61
CA TRP A 317 -35.91 -25.48 -15.05
C TRP A 317 -35.04 -26.62 -15.62
N LYS A 318 -33.81 -26.30 -16.02
CA LYS A 318 -32.90 -27.24 -16.66
C LYS A 318 -31.51 -26.91 -16.15
N ASN A 319 -30.51 -27.69 -16.54
CA ASN A 319 -29.15 -27.47 -16.06
C ASN A 319 -28.56 -26.16 -16.59
N GLY A 320 -27.79 -25.50 -15.73
CA GLY A 320 -27.02 -24.31 -16.07
C GLY A 320 -26.62 -23.62 -14.76
N MET A 321 -25.90 -22.48 -14.86
CA MET A 321 -25.38 -21.82 -13.67
C MET A 321 -25.81 -20.35 -13.75
N PRO A 322 -26.93 -19.99 -13.09
CA PRO A 322 -27.30 -18.60 -12.96
C PRO A 322 -26.59 -18.02 -11.73
N ILE A 323 -25.59 -17.15 -11.95
CA ILE A 323 -24.64 -16.91 -10.86
C ILE A 323 -25.21 -15.89 -9.87
N HIS A 324 -25.72 -14.77 -10.39
CA HIS A 324 -26.20 -13.67 -9.57
C HIS A 324 -27.51 -13.14 -10.13
N THR A 325 -28.36 -12.72 -9.21
CA THR A 325 -29.56 -12.01 -9.60
C THR A 325 -29.26 -10.52 -9.67
N ALA A 326 -29.94 -9.81 -10.60
CA ALA A 326 -29.99 -8.36 -10.53
C ALA A 326 -30.93 -8.00 -9.38
N SER A 327 -32.25 -8.14 -9.62
CA SER A 327 -33.16 -8.23 -8.48
C SER A 327 -34.41 -8.99 -8.95
N GLY A 328 -35.43 -8.98 -8.08
CA GLY A 328 -36.73 -9.52 -8.46
C GLY A 328 -37.85 -8.55 -8.14
N PHE A 329 -39.05 -8.89 -8.64
CA PHE A 329 -40.25 -8.18 -8.23
C PHE A 329 -41.46 -9.03 -8.59
N GLU A 330 -42.65 -8.58 -8.15
CA GLU A 330 -43.89 -9.20 -8.56
C GLU A 330 -44.57 -8.27 -9.55
N ASP A 331 -44.91 -8.83 -10.71
CA ASP A 331 -45.59 -8.05 -11.73
C ASP A 331 -47.03 -7.80 -11.29
N GLU A 332 -47.81 -7.11 -12.15
CA GLU A 332 -49.16 -6.68 -11.81
C GLU A 332 -50.08 -7.87 -11.46
N GLN A 333 -49.80 -9.04 -12.07
CA GLN A 333 -50.56 -10.28 -11.93
C GLN A 333 -49.91 -11.21 -10.90
N GLY A 334 -48.93 -10.71 -10.13
CA GLY A 334 -48.39 -11.45 -8.99
C GLY A 334 -47.29 -12.44 -9.38
N ARG A 335 -46.85 -12.41 -10.65
CA ARG A 335 -45.80 -13.33 -11.07
C ARG A 335 -44.45 -12.78 -10.57
N ILE A 336 -43.59 -13.69 -10.14
CA ILE A 336 -42.23 -13.38 -9.69
C ILE A 336 -41.36 -13.28 -10.94
N ILE A 337 -40.70 -12.12 -11.09
CA ILE A 337 -39.85 -11.83 -12.25
C ILE A 337 -38.46 -11.62 -11.67
N ILE A 338 -37.48 -12.38 -12.17
CA ILE A 338 -36.10 -12.24 -11.63
C ILE A 338 -35.16 -12.23 -12.83
N ASP A 339 -34.23 -11.26 -12.85
CA ASP A 339 -33.22 -11.29 -13.90
C ASP A 339 -31.91 -11.79 -13.28
N SER A 340 -31.20 -12.60 -14.04
CA SER A 340 -29.93 -13.15 -13.56
C SER A 340 -28.95 -13.32 -14.70
N SER A 341 -27.67 -13.47 -14.35
CA SER A 341 -26.76 -14.07 -15.33
C SER A 341 -27.13 -15.53 -15.55
N LEU A 342 -26.72 -16.07 -16.70
CA LEU A 342 -26.96 -17.49 -16.95
C LEU A 342 -25.79 -17.99 -17.77
N VAL A 343 -25.06 -18.92 -17.14
CA VAL A 343 -23.94 -19.56 -17.80
C VAL A 343 -24.39 -20.99 -18.10
N HIS A 344 -24.24 -21.36 -19.39
CA HIS A 344 -24.76 -22.63 -19.88
C HIS A 344 -23.74 -23.75 -19.66
N GLY A 345 -23.38 -23.97 -18.39
CA GLY A 345 -22.28 -24.86 -18.06
C GLY A 345 -21.64 -24.36 -16.77
N ASN A 346 -20.46 -24.91 -16.47
CA ASN A 346 -19.84 -24.73 -15.17
C ASN A 346 -18.89 -23.53 -15.20
N ALA A 347 -19.31 -22.42 -14.56
CA ALA A 347 -18.49 -21.21 -14.46
C ALA A 347 -17.39 -21.35 -13.41
N PHE A 348 -17.45 -22.42 -12.56
CA PHE A 348 -16.42 -22.74 -11.59
C PHE A 348 -15.81 -24.10 -11.95
N PRO A 349 -15.05 -24.20 -13.07
CA PRO A 349 -14.54 -25.49 -13.50
C PRO A 349 -13.58 -26.15 -12.51
N PHE A 350 -13.08 -25.38 -11.55
CA PHE A 350 -12.19 -25.86 -10.48
C PHE A 350 -12.96 -26.73 -9.46
N PHE A 351 -14.31 -26.75 -9.55
CA PHE A 351 -15.13 -27.72 -8.83
C PHE A 351 -15.81 -28.62 -9.88
N PRO A 352 -15.06 -29.53 -10.52
CA PRO A 352 -15.63 -30.33 -11.60
C PRO A 352 -16.65 -31.37 -11.10
N PRO A 353 -17.36 -32.06 -12.03
CA PRO A 353 -18.20 -33.18 -11.65
C PRO A 353 -17.39 -34.33 -11.05
N ASP A 354 -18.09 -35.21 -10.34
CA ASP A 354 -17.49 -36.42 -9.76
C ASP A 354 -17.11 -37.45 -10.81
N SER A 355 -18.03 -37.74 -11.74
CA SER A 355 -17.88 -38.92 -12.59
C SER A 355 -16.95 -38.60 -13.76
N ASP A 356 -16.27 -39.64 -14.26
CA ASP A 356 -15.42 -39.52 -15.44
C ASP A 356 -16.22 -38.97 -16.61
N GLU A 357 -17.43 -39.52 -16.81
CA GLU A 357 -18.30 -39.10 -17.90
C GLU A 357 -18.60 -37.60 -17.84
N GLN A 358 -19.00 -37.10 -16.66
CA GLN A 358 -19.35 -35.68 -16.58
C GLN A 358 -18.11 -34.77 -16.66
N LYS A 359 -16.97 -35.24 -16.11
CA LYS A 359 -15.71 -34.53 -16.25
C LYS A 359 -15.36 -34.36 -17.73
N LYS A 360 -15.51 -35.43 -18.52
CA LYS A 360 -15.24 -35.35 -19.96
C LYS A 360 -16.13 -34.30 -20.64
N LYS A 361 -17.42 -34.26 -20.24
CA LYS A 361 -18.36 -33.28 -20.74
C LYS A 361 -17.89 -31.84 -20.43
N GLN A 362 -17.44 -31.61 -19.21
CA GLN A 362 -16.97 -30.28 -18.84
C GLN A 362 -15.81 -29.87 -19.74
N GLU A 363 -14.85 -30.79 -19.99
CA GLU A 363 -13.69 -30.51 -20.82
C GLU A 363 -14.14 -30.21 -22.25
N ALA A 364 -15.06 -31.07 -22.73
CA ALA A 364 -15.62 -31.00 -24.07
C ALA A 364 -16.39 -29.70 -24.30
N ASP A 365 -17.19 -29.26 -23.32
CA ASP A 365 -18.06 -28.09 -23.48
C ASP A 365 -17.25 -26.81 -23.77
N GLY A 366 -15.98 -26.80 -23.37
CA GLY A 366 -15.15 -25.60 -23.50
C GLY A 366 -15.72 -24.49 -22.62
N THR A 367 -15.48 -23.24 -23.01
CA THR A 367 -16.05 -22.09 -22.32
C THR A 367 -17.54 -22.07 -22.60
N PRO A 368 -18.41 -22.14 -21.57
CA PRO A 368 -19.85 -22.10 -21.82
C PRO A 368 -20.35 -20.77 -22.36
N LYS A 369 -21.48 -20.85 -23.08
CA LYS A 369 -22.21 -19.67 -23.48
C LYS A 369 -22.70 -18.98 -22.21
N ALA A 370 -22.69 -17.64 -22.22
CA ALA A 370 -23.12 -16.87 -21.05
C ALA A 370 -23.96 -15.68 -21.49
N GLN A 371 -25.07 -15.44 -20.77
CA GLN A 371 -26.03 -14.40 -21.10
C GLN A 371 -26.58 -13.77 -19.83
N PHE A 372 -27.47 -12.76 -20.02
CA PHE A 372 -28.24 -12.17 -18.93
C PHE A 372 -29.71 -12.41 -19.27
N VAL A 373 -30.46 -13.04 -18.36
CA VAL A 373 -31.79 -13.57 -18.72
C VAL A 373 -32.84 -13.16 -17.70
N ARG A 374 -34.13 -13.37 -18.04
CA ARG A 374 -35.25 -13.06 -17.16
C ARG A 374 -36.10 -14.31 -16.95
N TRP A 375 -36.38 -14.64 -15.68
CA TRP A 375 -37.15 -15.80 -15.26
C TRP A 375 -38.54 -15.34 -14.86
N THR A 376 -39.54 -16.20 -15.12
CA THR A 376 -40.91 -15.96 -14.68
C THR A 376 -41.35 -17.16 -13.83
N ILE A 377 -41.65 -16.89 -12.55
CA ILE A 377 -42.14 -17.92 -11.66
C ILE A 377 -43.53 -17.44 -11.24
N ASP A 378 -44.52 -18.07 -11.83
CA ASP A 378 -45.91 -17.71 -11.61
C ASP A 378 -46.47 -18.59 -10.48
N PRO A 379 -46.69 -18.03 -9.26
CA PRO A 379 -47.15 -18.84 -8.12
C PRO A 379 -48.55 -19.45 -8.26
N ARG A 380 -49.32 -19.00 -9.26
CA ARG A 380 -50.63 -19.58 -9.61
C ARG A 380 -50.44 -20.96 -10.25
N LYS A 381 -49.24 -21.25 -10.77
CA LYS A 381 -49.00 -22.46 -11.55
C LYS A 381 -48.57 -23.61 -10.64
N ASP A 382 -48.68 -24.84 -11.15
CA ASP A 382 -48.25 -26.02 -10.43
C ASP A 382 -46.72 -26.03 -10.45
N ASN A 383 -46.09 -25.99 -9.27
CA ASN A 383 -44.64 -25.94 -9.17
C ASN A 383 -43.95 -27.23 -9.65
N ASN A 384 -44.71 -28.33 -9.80
CA ASN A 384 -44.18 -29.57 -10.35
C ASN A 384 -43.94 -29.47 -11.85
N GLU A 385 -44.56 -28.48 -12.51
CA GLU A 385 -44.38 -28.30 -13.93
C GLU A 385 -43.09 -27.51 -14.13
N GLN A 386 -42.29 -27.93 -15.11
CA GLN A 386 -41.05 -27.22 -15.44
C GLN A 386 -41.37 -25.76 -15.75
N LEU A 387 -40.50 -24.87 -15.28
CA LEU A 387 -40.61 -23.44 -15.54
C LEU A 387 -40.45 -23.19 -17.04
N PRO A 388 -41.07 -22.09 -17.56
CA PRO A 388 -40.78 -21.65 -18.91
C PRO A 388 -39.31 -21.25 -19.09
N ASP A 389 -38.83 -21.39 -20.33
CA ASP A 389 -37.49 -20.93 -20.66
C ASP A 389 -37.35 -19.46 -20.29
N PRO A 390 -36.20 -19.06 -19.70
CA PRO A 390 -35.99 -17.65 -19.40
C PRO A 390 -35.84 -16.85 -20.70
N GLU A 391 -36.16 -15.56 -20.64
CA GLU A 391 -36.04 -14.69 -21.80
C GLU A 391 -34.64 -14.10 -21.80
N VAL A 392 -33.98 -14.09 -22.98
CA VAL A 392 -32.65 -13.52 -23.12
C VAL A 392 -32.79 -12.00 -23.13
N ILE A 393 -32.09 -11.34 -22.20
CA ILE A 393 -32.13 -9.90 -22.04
C ILE A 393 -30.88 -9.29 -22.68
N LEU A 394 -29.71 -9.82 -22.31
CA LEU A 394 -28.46 -9.49 -22.97
C LEU A 394 -27.83 -10.77 -23.47
N ASP A 395 -27.52 -10.77 -24.78
CA ASP A 395 -26.88 -11.92 -25.39
C ASP A 395 -25.36 -11.81 -25.34
N THR A 396 -24.81 -11.46 -24.15
CA THR A 396 -23.38 -11.33 -23.99
C THR A 396 -23.04 -11.84 -22.60
N PRO A 397 -21.81 -12.36 -22.35
CA PRO A 397 -21.41 -12.70 -20.99
C PRO A 397 -21.58 -11.51 -20.07
N SER A 398 -22.29 -11.78 -18.95
CA SER A 398 -22.79 -10.78 -18.03
C SER A 398 -22.60 -11.33 -16.63
N GLU A 399 -22.11 -10.47 -15.72
CA GLU A 399 -21.96 -10.91 -14.34
C GLU A 399 -22.05 -9.68 -13.45
N PHE A 400 -22.02 -9.93 -12.13
CA PHE A 400 -22.01 -8.93 -11.07
C PHE A 400 -23.02 -7.81 -11.34
N PRO A 401 -24.32 -8.12 -11.51
CA PRO A 401 -25.29 -7.04 -11.68
C PRO A 401 -25.68 -6.38 -10.37
N GLN A 402 -25.97 -5.08 -10.42
CA GLN A 402 -26.55 -4.43 -9.26
C GLN A 402 -27.72 -3.60 -9.76
N ILE A 403 -28.52 -3.12 -8.80
CA ILE A 403 -29.64 -2.26 -9.15
C ILE A 403 -29.50 -0.92 -8.41
N ASP A 404 -30.51 -0.04 -8.61
CA ASP A 404 -30.69 1.12 -7.76
C ASP A 404 -31.35 0.60 -6.48
N ASN A 405 -30.58 0.60 -5.37
CA ASN A 405 -30.97 0.00 -4.09
C ASN A 405 -32.22 0.61 -3.46
N ARG A 406 -32.62 1.82 -3.93
CA ARG A 406 -33.90 2.39 -3.54
C ARG A 406 -35.09 1.54 -3.98
N PHE A 407 -34.87 0.56 -4.88
CA PHE A 407 -35.94 -0.24 -5.48
C PHE A 407 -35.81 -1.73 -5.12
N MET A 408 -35.15 -2.01 -3.99
CA MET A 408 -34.91 -3.41 -3.65
C MET A 408 -36.19 -4.01 -3.06
N GLY A 409 -36.60 -5.15 -3.61
CA GLY A 409 -37.77 -5.89 -3.13
C GLY A 409 -39.09 -5.31 -3.66
N VAL A 410 -38.99 -4.38 -4.61
CA VAL A 410 -40.16 -3.84 -5.31
C VAL A 410 -39.83 -3.83 -6.80
N GLU A 411 -40.80 -3.46 -7.64
CA GLU A 411 -40.51 -3.35 -9.06
C GLU A 411 -39.33 -2.39 -9.32
N TYR A 412 -38.38 -2.85 -10.16
CA TYR A 412 -37.22 -2.05 -10.51
C TYR A 412 -37.07 -2.12 -12.02
N SER A 413 -36.25 -1.25 -12.60
CA SER A 413 -36.05 -1.13 -14.04
C SER A 413 -34.56 -1.10 -14.41
N SER A 414 -33.76 -0.32 -13.66
CA SER A 414 -32.32 -0.19 -13.93
C SER A 414 -31.55 -1.39 -13.40
N ALA A 415 -30.66 -1.90 -14.24
CA ALA A 415 -29.61 -2.83 -13.81
C ALA A 415 -28.27 -2.32 -14.35
N PHE A 416 -27.24 -2.45 -13.51
CA PHE A 416 -25.89 -2.07 -13.88
C PHE A 416 -25.11 -3.37 -13.88
N ILE A 417 -24.53 -3.74 -15.02
CA ILE A 417 -24.12 -5.12 -15.25
C ILE A 417 -22.67 -5.07 -15.73
N ASN A 418 -21.85 -5.96 -15.15
CA ASN A 418 -20.48 -6.13 -15.60
C ASN A 418 -20.56 -7.04 -16.83
N VAL A 419 -19.92 -6.66 -17.94
CA VAL A 419 -20.13 -7.33 -19.23
C VAL A 419 -18.83 -7.52 -20.01
N PHE A 420 -18.83 -8.58 -20.83
CA PHE A 420 -17.94 -8.67 -21.99
C PHE A 420 -18.53 -7.75 -23.04
N VAL A 421 -17.80 -6.71 -23.43
CA VAL A 421 -18.35 -5.74 -24.36
C VAL A 421 -18.53 -6.40 -25.74
N PRO A 422 -19.74 -6.39 -26.34
CA PRO A 422 -19.95 -6.97 -27.67
C PRO A 422 -18.94 -6.44 -28.68
N ASP A 423 -18.28 -7.38 -29.37
CA ASP A 423 -17.34 -7.11 -30.47
C ASP A 423 -16.04 -6.45 -29.99
N ARG A 424 -15.80 -6.43 -28.67
CA ARG A 424 -14.60 -5.84 -28.11
C ARG A 424 -14.18 -6.64 -26.89
N SER A 425 -14.29 -7.98 -26.97
CA SER A 425 -14.00 -8.87 -25.84
C SER A 425 -13.74 -10.25 -26.41
N ASP A 426 -13.19 -11.13 -25.59
CA ASP A 426 -12.71 -12.39 -26.13
C ASP A 426 -13.89 -13.31 -26.52
N GLY A 427 -14.62 -13.82 -25.52
CA GLY A 427 -15.71 -14.78 -25.60
C GLY A 427 -15.28 -16.17 -25.08
N ASN A 428 -14.03 -16.53 -25.35
CA ASN A 428 -13.47 -17.80 -24.89
C ASN A 428 -12.93 -17.72 -23.47
N LYS A 429 -12.88 -16.53 -22.88
CA LYS A 429 -12.54 -16.40 -21.46
C LYS A 429 -13.71 -16.83 -20.57
N ASN A 430 -13.36 -17.53 -19.47
CA ASN A 430 -14.27 -17.77 -18.36
C ASN A 430 -14.95 -16.45 -17.98
N VAL A 431 -16.23 -16.53 -17.60
CA VAL A 431 -17.12 -15.39 -17.41
C VAL A 431 -16.52 -14.38 -16.43
N PHE A 432 -15.70 -14.83 -15.47
CA PHE A 432 -15.17 -13.90 -14.48
C PHE A 432 -13.88 -13.21 -14.96
N GLN A 433 -13.37 -13.63 -16.12
CA GLN A 433 -11.99 -13.32 -16.51
C GLN A 433 -11.95 -12.39 -17.72
N GLY A 434 -13.09 -12.03 -18.32
CA GLY A 434 -13.03 -11.21 -19.52
C GLY A 434 -13.93 -9.99 -19.43
N LEU A 435 -14.31 -9.61 -18.21
CA LEU A 435 -15.28 -8.54 -17.98
C LEU A 435 -14.59 -7.20 -18.17
N ASN A 436 -14.89 -6.56 -19.32
CA ASN A 436 -14.15 -5.35 -19.68
C ASN A 436 -15.11 -4.20 -19.97
N GLY A 437 -16.36 -4.32 -19.54
CA GLY A 437 -17.26 -3.20 -19.71
C GLY A 437 -18.38 -3.22 -18.66
N LEU A 438 -19.19 -2.15 -18.70
CA LEU A 438 -20.41 -2.08 -17.94
C LEU A 438 -21.58 -1.84 -18.89
N ALA A 439 -22.74 -2.35 -18.49
CA ALA A 439 -23.97 -2.03 -19.19
C ALA A 439 -24.94 -1.38 -18.22
N HIS A 440 -25.65 -0.33 -18.69
CA HIS A 440 -26.80 0.16 -18.00
C HIS A 440 -28.04 -0.25 -18.79
N TYR A 441 -28.74 -1.26 -18.27
CA TYR A 441 -29.98 -1.77 -18.85
C TYR A 441 -31.16 -1.16 -18.12
N LYS A 442 -32.18 -0.72 -18.90
CA LYS A 442 -33.37 -0.15 -18.32
C LYS A 442 -34.55 -0.95 -18.91
N ARG A 443 -35.22 -1.74 -18.06
CA ARG A 443 -36.28 -2.61 -18.53
C ARG A 443 -37.44 -1.79 -19.12
N LYS A 444 -37.81 -0.70 -18.43
CA LYS A 444 -39.00 0.09 -18.80
C LYS A 444 -38.82 0.75 -20.17
N GLU A 445 -37.61 1.28 -20.47
CA GLU A 445 -37.29 1.90 -21.76
C GLU A 445 -36.84 0.84 -22.77
N GLY A 446 -36.44 -0.35 -22.31
CA GLY A 446 -35.92 -1.41 -23.16
C GLY A 446 -34.58 -1.04 -23.80
N THR A 447 -33.81 -0.14 -23.14
CA THR A 447 -32.53 0.33 -23.66
C THR A 447 -31.37 -0.31 -22.89
N THR A 448 -30.22 -0.44 -23.57
CA THR A 448 -28.93 -0.72 -22.92
C THR A 448 -27.87 0.29 -23.40
N GLU A 449 -27.14 0.89 -22.45
CA GLU A 449 -26.00 1.75 -22.72
C GLU A 449 -24.74 1.06 -22.20
N TRP A 450 -23.59 1.39 -22.80
CA TRP A 450 -22.38 0.57 -22.64
C TRP A 450 -21.21 1.47 -22.27
N TYR A 451 -20.41 1.00 -21.30
CA TYR A 451 -19.15 1.63 -20.91
C TYR A 451 -18.04 0.63 -21.21
N TYR A 452 -17.02 1.07 -21.95
CA TYR A 452 -15.88 0.24 -22.26
C TYR A 452 -14.74 0.63 -21.32
N ALA A 453 -14.16 -0.36 -20.62
CA ALA A 453 -13.11 -0.12 -19.62
C ALA A 453 -11.84 0.47 -20.25
N GLY A 454 -11.59 0.13 -21.52
CA GLY A 454 -10.38 0.57 -22.20
C GLY A 454 -9.58 -0.64 -22.63
N ASP A 455 -8.68 -0.40 -23.60
CA ASP A 455 -7.78 -1.45 -24.03
C ASP A 455 -6.84 -1.80 -22.88
N ASN A 456 -6.55 -3.09 -22.73
CA ASN A 456 -5.68 -3.60 -21.66
C ASN A 456 -6.26 -3.26 -20.29
N CYS A 457 -7.60 -3.27 -20.21
CA CYS A 457 -8.28 -3.03 -18.96
C CYS A 457 -9.35 -4.08 -18.73
N LEU A 458 -9.52 -4.39 -17.44
CA LEU A 458 -10.72 -5.04 -16.95
C LEU A 458 -11.45 -4.10 -16.02
N ILE A 459 -12.75 -4.34 -15.84
CA ILE A 459 -13.53 -3.54 -14.90
C ILE A 459 -14.35 -4.52 -14.04
N GLN A 460 -14.55 -4.14 -12.78
CA GLN A 460 -15.22 -5.00 -11.80
C GLN A 460 -16.66 -4.51 -11.60
N GLU A 461 -17.31 -5.07 -10.58
CA GLU A 461 -18.76 -4.85 -10.39
C GLU A 461 -19.08 -3.38 -10.19
N PRO A 462 -20.15 -2.86 -10.85
CA PRO A 462 -20.56 -1.48 -10.65
C PRO A 462 -21.43 -1.31 -9.42
N VAL A 463 -21.42 -0.09 -8.86
CA VAL A 463 -22.32 0.32 -7.81
C VAL A 463 -22.92 1.64 -8.23
N PHE A 464 -24.13 1.93 -7.72
CA PHE A 464 -24.84 3.14 -8.13
C PHE A 464 -25.13 4.03 -6.91
N SER A 465 -24.93 5.33 -7.12
CA SER A 465 -25.29 6.32 -6.13
C SER A 465 -26.29 7.27 -6.81
N PRO A 466 -27.50 7.46 -6.23
CA PRO A 466 -28.45 8.39 -6.83
C PRO A 466 -27.93 9.83 -6.80
N ARG A 467 -28.30 10.63 -7.80
CA ARG A 467 -27.82 12.01 -7.88
C ARG A 467 -28.23 12.82 -6.65
N SER A 468 -29.45 12.54 -6.15
CA SER A 468 -30.00 13.08 -4.92
C SER A 468 -31.05 12.08 -4.46
N LYS A 469 -31.58 12.27 -3.26
CA LYS A 469 -32.44 11.28 -2.59
C LYS A 469 -33.67 10.99 -3.43
N ASP A 470 -34.17 12.01 -4.16
CA ASP A 470 -35.39 11.94 -4.97
C ASP A 470 -35.08 11.98 -6.47
N ALA A 471 -33.81 11.74 -6.87
CA ALA A 471 -33.49 11.57 -8.29
C ALA A 471 -34.32 10.43 -8.88
N PRO A 472 -34.71 10.47 -10.18
CA PRO A 472 -35.35 9.30 -10.82
C PRO A 472 -34.51 8.02 -10.66
N GLU A 473 -35.16 6.86 -10.75
CA GLU A 473 -34.44 5.58 -10.70
C GLU A 473 -33.28 5.55 -11.71
N GLY A 474 -32.08 5.17 -11.25
CA GLY A 474 -30.98 4.99 -12.18
C GLY A 474 -30.34 6.30 -12.62
N ASP A 475 -30.74 7.44 -12.02
CA ASP A 475 -30.14 8.72 -12.34
C ASP A 475 -29.13 9.12 -11.28
N GLY A 476 -27.85 9.17 -11.67
CA GLY A 476 -26.81 9.37 -10.68
C GLY A 476 -25.46 8.91 -11.23
N PHE A 477 -24.68 8.27 -10.33
CA PHE A 477 -23.29 7.99 -10.64
C PHE A 477 -23.06 6.50 -10.44
N VAL A 478 -22.31 5.93 -11.41
CA VAL A 478 -21.86 4.55 -11.29
C VAL A 478 -20.36 4.56 -11.02
N LEU A 479 -19.95 3.71 -10.07
CA LEU A 479 -18.54 3.60 -9.71
C LEU A 479 -18.12 2.15 -9.92
N ALA A 480 -16.86 1.94 -10.35
CA ALA A 480 -16.33 0.58 -10.47
C ALA A 480 -14.82 0.64 -10.42
N ILE A 481 -14.21 -0.47 -10.01
CA ILE A 481 -12.76 -0.60 -10.02
C ILE A 481 -12.32 -1.05 -11.41
N VAL A 482 -11.36 -0.31 -11.98
CA VAL A 482 -10.71 -0.65 -13.23
C VAL A 482 -9.30 -1.16 -12.93
N ASP A 483 -8.96 -2.31 -13.54
CA ASP A 483 -7.57 -2.78 -13.55
C ASP A 483 -6.87 -2.25 -14.78
N ARG A 484 -5.85 -1.41 -14.57
CA ARG A 484 -4.99 -0.92 -15.63
C ARG A 484 -3.88 -1.95 -15.75
N LEU A 485 -4.13 -2.95 -16.62
CA LEU A 485 -3.34 -4.17 -16.62
C LEU A 485 -1.88 -3.93 -16.98
N ASP A 486 -1.62 -2.94 -17.82
CA ASP A 486 -0.26 -2.65 -18.23
C ASP A 486 0.44 -1.71 -17.23
N LEU A 487 -0.29 -1.19 -16.22
CA LEU A 487 0.24 -0.13 -15.38
C LEU A 487 0.50 -0.61 -13.96
N ASN A 488 0.14 -1.87 -13.63
CA ASN A 488 0.19 -2.39 -12.26
C ASN A 488 -0.52 -1.39 -11.32
N ARG A 489 -1.72 -0.90 -11.72
CA ARG A 489 -2.48 -0.14 -10.77
C ARG A 489 -3.99 -0.35 -10.98
N SER A 490 -4.73 0.02 -9.94
CA SER A 490 -6.18 -0.01 -9.95
C SER A 490 -6.69 1.41 -9.82
N GLU A 491 -7.88 1.67 -10.39
CA GLU A 491 -8.49 2.98 -10.37
C GLU A 491 -9.97 2.82 -10.09
N VAL A 492 -10.62 3.86 -9.55
CA VAL A 492 -12.07 3.86 -9.44
C VAL A 492 -12.55 4.80 -10.53
N VAL A 493 -13.38 4.31 -11.45
CA VAL A 493 -13.97 5.21 -12.42
C VAL A 493 -15.32 5.70 -11.86
N VAL A 494 -15.67 6.94 -12.22
CA VAL A 494 -16.96 7.51 -11.87
C VAL A 494 -17.62 7.92 -13.19
N ILE A 495 -18.87 7.44 -13.38
CA ILE A 495 -19.61 7.62 -14.63
C ILE A 495 -20.92 8.30 -14.26
N ASP A 496 -21.27 9.38 -14.97
CA ASP A 496 -22.60 9.98 -14.83
C ASP A 496 -23.56 9.22 -15.76
N THR A 497 -24.71 8.76 -15.24
CA THR A 497 -25.68 7.99 -16.04
C THR A 497 -26.30 8.81 -17.18
N ARG A 498 -26.18 10.16 -17.11
CA ARG A 498 -26.59 11.03 -18.20
C ARG A 498 -25.71 10.83 -19.44
N ASP A 499 -24.47 10.33 -19.27
CA ASP A 499 -23.68 9.88 -20.41
C ASP A 499 -22.85 8.68 -19.98
N PHE A 500 -23.47 7.50 -20.12
CA PHE A 500 -22.91 6.27 -19.58
C PHE A 500 -21.62 5.86 -20.29
N THR A 501 -21.34 6.41 -21.49
CA THR A 501 -20.20 5.93 -22.27
C THR A 501 -18.89 6.57 -21.79
N LYS A 502 -18.97 7.59 -20.92
CA LYS A 502 -17.81 8.41 -20.53
C LYS A 502 -17.64 8.47 -19.01
N ALA A 503 -16.40 8.31 -18.55
CA ALA A 503 -16.03 8.60 -17.16
C ALA A 503 -15.93 10.10 -16.94
N VAL A 504 -16.48 10.58 -15.82
CA VAL A 504 -16.30 11.98 -15.43
C VAL A 504 -15.02 12.13 -14.60
N ALA A 505 -14.62 11.05 -13.91
CA ALA A 505 -13.45 11.17 -13.04
C ALA A 505 -12.84 9.78 -12.88
N ALA A 506 -11.57 9.77 -12.50
CA ALA A 506 -10.95 8.51 -12.08
C ALA A 506 -10.20 8.75 -10.78
N VAL A 507 -10.35 7.84 -9.81
CA VAL A 507 -9.61 7.90 -8.56
C VAL A 507 -8.41 6.99 -8.81
N GLN A 508 -7.21 7.54 -8.69
CA GLN A 508 -6.04 6.82 -9.16
C GLN A 508 -5.24 6.37 -7.94
N LEU A 509 -5.28 5.05 -7.63
CA LEU A 509 -4.37 4.51 -6.63
C LEU A 509 -2.95 4.49 -7.16
N PRO A 510 -1.93 4.55 -6.25
CA PRO A 510 -0.54 4.38 -6.63
C PRO A 510 -0.09 2.93 -6.77
N PHE A 511 -1.07 2.03 -6.77
CA PHE A 511 -0.81 0.58 -6.82
C PHE A 511 -2.07 -0.16 -7.28
N ALA A 512 -1.91 -1.47 -7.48
CA ALA A 512 -3.04 -2.34 -7.80
C ALA A 512 -3.54 -3.04 -6.56
N ILE A 513 -4.86 -3.27 -6.51
CA ILE A 513 -5.46 -4.09 -5.48
C ILE A 513 -5.97 -5.37 -6.15
N ARG A 514 -6.29 -6.40 -5.36
CA ARG A 514 -6.86 -7.62 -5.91
C ARG A 514 -8.10 -7.30 -6.72
N SER A 515 -8.33 -8.12 -7.76
CA SER A 515 -9.65 -8.04 -8.38
C SER A 515 -10.61 -8.67 -7.37
N GLY A 516 -11.75 -8.01 -7.12
CA GLY A 516 -12.58 -8.40 -5.98
C GLY A 516 -13.87 -9.11 -6.42
N ILE A 517 -14.76 -9.28 -5.44
CA ILE A 517 -16.00 -9.99 -5.65
C ILE A 517 -17.09 -8.92 -5.69
N HIS A 518 -17.76 -8.63 -4.55
CA HIS A 518 -18.73 -7.55 -4.55
C HIS A 518 -18.19 -6.31 -3.86
N GLY A 519 -18.93 -5.22 -4.10
CA GLY A 519 -18.78 -4.01 -3.31
C GLY A 519 -20.13 -3.32 -3.22
N GLN A 520 -20.21 -2.24 -2.42
CA GLN A 520 -21.51 -1.65 -2.23
C GLN A 520 -21.28 -0.15 -2.11
N TRP A 521 -22.20 0.62 -2.70
CA TRP A 521 -22.29 2.02 -2.35
C TRP A 521 -23.09 2.15 -1.06
N ILE A 522 -22.44 2.69 -0.04
CA ILE A 522 -23.06 2.84 1.27
C ILE A 522 -23.16 4.35 1.53
N PRO A 523 -24.39 4.89 1.52
CA PRO A 523 -24.60 6.32 1.71
C PRO A 523 -24.10 6.79 3.07
N GLY A 524 -23.56 8.01 3.11
CA GLY A 524 -23.11 8.65 4.34
C GLY A 524 -24.20 8.68 5.40
N GLU A 525 -25.46 8.89 4.94
CA GLU A 525 -26.63 9.05 5.80
C GLU A 525 -26.90 7.78 6.62
N VAL A 526 -26.47 6.59 6.15
CA VAL A 526 -26.73 5.35 6.89
C VAL A 526 -25.47 4.85 7.61
N THR A 527 -24.40 5.65 7.56
CA THR A 527 -23.13 5.26 8.19
C THR A 527 -23.04 6.01 9.51
N PRO A 528 -22.96 5.32 10.67
CA PRO A 528 -22.77 6.01 11.95
C PRO A 528 -21.56 6.94 11.94
N ASP A 529 -21.78 8.19 12.38
CA ASP A 529 -20.74 9.21 12.56
C ASP A 529 -20.02 9.57 11.25
N PHE A 530 -20.68 9.39 10.10
CA PHE A 530 -20.12 9.77 8.82
C PHE A 530 -19.72 11.26 8.85
N GLU A 531 -20.51 12.09 9.56
CA GLU A 531 -20.28 13.54 9.57
C GLU A 531 -19.05 13.94 10.38
N THR A 532 -18.53 13.05 11.23
CA THR A 532 -17.48 13.45 12.16
C THR A 532 -16.26 12.55 12.04
N LYS A 533 -16.39 11.37 11.41
CA LYS A 533 -15.25 10.46 11.33
C LYS A 533 -14.90 10.18 9.89
N GLY A 534 -13.60 10.27 9.55
CA GLY A 534 -13.18 9.91 8.20
C GLY A 534 -12.55 8.53 8.26
N LEU A 535 -12.09 8.06 7.09
CA LEU A 535 -11.35 6.80 7.05
C LEU A 535 -9.95 6.98 7.66
N VAL A 536 -9.46 8.23 7.67
CA VAL A 536 -8.13 8.52 8.16
C VAL A 536 -8.30 9.53 9.30
N ASP A 537 -7.77 9.24 10.48
CA ASP A 537 -7.87 10.21 11.57
C ASP A 537 -6.89 11.36 11.33
N LEU A 538 -7.35 12.59 11.56
CA LEU A 538 -6.50 13.76 11.37
C LEU A 538 -5.43 13.80 12.45
N PRO A 539 -4.20 14.27 12.17
CA PRO A 539 -3.25 14.50 13.26
C PRO A 539 -3.72 15.64 14.16
N LYS A 540 -3.12 15.77 15.36
CA LYS A 540 -3.55 16.81 16.30
C LYS A 540 -3.22 18.20 15.75
N GLU A 541 -3.98 19.19 16.21
CA GLU A 541 -3.72 20.56 15.81
C GLU A 541 -2.45 21.13 16.45
N GLU A 542 -2.27 20.92 17.76
CA GLU A 542 -1.18 21.58 18.48
C GLU A 542 0.17 21.23 17.84
N HIS A 543 1.05 22.23 17.67
CA HIS A 543 2.39 22.00 17.15
C HIS A 543 3.20 21.17 18.13
N TRP A 544 4.06 20.29 17.58
CA TRP A 544 5.10 19.65 18.37
C TRP A 544 6.14 20.66 18.82
N ALA A 545 6.49 21.62 17.94
CA ALA A 545 7.70 22.38 18.19
C ALA A 545 7.32 23.72 18.86
N PRO A 546 8.23 24.30 19.66
CA PRO A 546 8.02 25.66 20.19
C PRO A 546 8.23 26.71 19.11
N LEU A 547 7.59 27.88 19.29
CA LEU A 547 7.78 29.02 18.42
C LEU A 547 9.26 29.36 18.20
N SER A 548 10.08 29.25 19.26
CA SER A 548 11.51 29.60 19.26
C SER A 548 12.34 28.79 18.26
N GLN A 549 11.82 27.64 17.83
CA GLN A 549 12.54 26.77 16.89
C GLN A 549 12.33 27.14 15.42
N SER A 550 11.43 28.09 15.12
CA SER A 550 11.23 28.46 13.72
C SER A 550 12.51 29.08 13.16
N PRO A 551 12.94 28.69 11.93
CA PRO A 551 14.07 29.35 11.30
C PRO A 551 13.80 30.82 11.00
N TYR A 552 12.50 31.15 10.80
CA TYR A 552 12.08 32.50 10.43
C TYR A 552 11.95 33.37 11.67
N ASP A 553 12.46 34.60 11.53
CA ASP A 553 12.30 35.64 12.53
C ASP A 553 11.60 36.82 11.86
N PRO A 554 10.39 37.25 12.29
CA PRO A 554 9.73 38.39 11.67
C PRO A 554 10.48 39.71 11.79
N ASP A 555 11.47 39.78 12.67
CA ASP A 555 12.31 40.96 12.85
C ASP A 555 13.54 40.94 11.95
N ALA A 556 13.89 39.79 11.34
CA ALA A 556 15.13 39.67 10.58
C ALA A 556 15.06 40.43 9.24
N TYR B 32 -4.55 4.57 -28.73
CA TYR B 32 -3.24 5.09 -28.25
C TYR B 32 -3.37 5.51 -26.79
N VAL B 33 -4.41 6.31 -26.47
CA VAL B 33 -4.49 7.10 -25.23
C VAL B 33 -5.82 6.76 -24.53
N HIS B 34 -5.73 6.40 -23.25
CA HIS B 34 -6.91 6.09 -22.44
C HIS B 34 -7.72 7.36 -22.20
N PRO B 35 -9.06 7.38 -22.48
CA PRO B 35 -9.88 8.56 -22.26
C PRO B 35 -9.75 9.22 -20.89
N THR B 36 -9.66 8.40 -19.81
CA THR B 36 -9.58 8.96 -18.46
C THR B 36 -8.21 9.56 -18.16
N ASP B 37 -7.19 9.23 -18.98
CA ASP B 37 -5.83 9.72 -18.75
C ASP B 37 -5.67 11.18 -19.18
N ILE B 38 -6.64 11.73 -19.94
CA ILE B 38 -6.57 13.14 -20.33
C ILE B 38 -7.30 14.03 -19.33
N LEU B 39 -7.96 13.43 -18.32
CA LEU B 39 -8.62 14.21 -17.28
C LEU B 39 -7.55 14.84 -16.38
N PRO B 40 -7.67 16.13 -15.93
CA PRO B 40 -6.62 16.80 -15.14
C PRO B 40 -6.49 16.35 -13.67
N SER B 41 -5.29 16.38 -13.06
CA SER B 41 -5.07 15.75 -11.74
C SER B 41 -5.08 16.72 -10.54
N GLY B 42 -4.67 17.97 -10.83
CA GLY B 42 -4.40 18.98 -9.82
C GLY B 42 -2.97 18.91 -9.25
N TRP B 43 -2.18 17.90 -9.66
CA TRP B 43 -0.84 17.75 -9.11
C TRP B 43 0.19 18.46 -10.01
N PRO B 44 1.15 19.21 -9.43
CA PRO B 44 2.36 19.56 -10.18
C PRO B 44 3.29 18.34 -10.24
N THR B 45 4.31 18.41 -11.11
CA THR B 45 5.34 17.38 -11.12
C THR B 45 6.11 17.42 -9.80
N ALA B 46 6.02 16.34 -9.01
CA ALA B 46 6.66 16.27 -7.71
C ALA B 46 7.68 15.12 -7.77
N THR B 47 8.92 15.48 -8.14
CA THR B 47 9.96 14.47 -8.34
C THR B 47 10.55 14.09 -6.99
N ASP B 48 11.19 12.91 -6.94
CA ASP B 48 12.16 12.58 -5.91
C ASP B 48 13.56 12.64 -6.54
N LEU B 49 14.61 12.31 -5.77
CA LEU B 49 15.98 12.47 -6.29
C LEU B 49 16.27 11.63 -7.54
N SER B 50 15.58 10.49 -7.69
CA SER B 50 15.75 9.64 -8.86
C SER B 50 15.21 10.29 -10.14
N GLY B 51 14.36 11.31 -10.01
CA GLY B 51 13.65 11.91 -11.13
C GLY B 51 12.24 11.33 -11.29
N GLY B 52 11.93 10.26 -10.54
CA GLY B 52 10.59 9.65 -10.53
C GLY B 52 9.55 10.65 -10.04
N ALA B 53 8.35 10.65 -10.64
CA ALA B 53 7.39 11.67 -10.22
C ALA B 53 6.05 11.09 -9.76
N GLN B 54 5.95 9.78 -9.48
CA GLN B 54 4.65 9.26 -9.08
C GLN B 54 4.45 9.41 -7.56
N PRO B 55 3.43 10.17 -7.07
CA PRO B 55 3.09 10.18 -5.66
C PRO B 55 2.63 8.81 -5.19
N ARG B 56 3.06 8.43 -3.97
CA ARG B 56 2.71 7.10 -3.44
C ARG B 56 1.79 7.33 -2.24
N ARG B 57 2.39 7.77 -1.10
CA ARG B 57 1.65 8.39 0.00
C ARG B 57 0.81 7.38 0.79
N PHE B 58 1.08 6.08 0.64
CA PHE B 58 0.29 5.17 1.45
C PHE B 58 0.98 4.99 2.80
N GLU B 59 0.14 4.74 3.80
CA GLU B 59 0.58 4.53 5.16
C GLU B 59 -0.05 3.21 5.61
N GLY B 60 0.78 2.22 5.88
CA GLY B 60 0.24 0.97 6.37
C GLY B 60 1.29 -0.12 6.34
N THR B 61 0.81 -1.36 6.27
CA THR B 61 1.66 -2.54 6.54
C THR B 61 1.41 -3.65 5.55
N ILE B 62 2.42 -4.53 5.46
CA ILE B 62 2.28 -5.88 4.91
C ILE B 62 2.99 -6.82 5.88
N PHE B 63 2.24 -7.83 6.33
CA PHE B 63 2.77 -8.84 7.22
C PHE B 63 3.29 -9.99 6.34
N ASP B 64 4.55 -10.38 6.59
CA ASP B 64 5.16 -11.51 5.88
C ASP B 64 5.22 -11.21 4.39
N VAL B 65 5.99 -10.15 4.06
CA VAL B 65 6.20 -9.71 2.69
C VAL B 65 6.72 -10.88 1.87
N MET B 66 6.21 -10.99 0.64
CA MET B 66 6.64 -12.06 -0.28
C MET B 66 8.16 -11.99 -0.49
N THR B 67 8.83 -13.15 -0.44
CA THR B 67 10.27 -13.19 -0.69
C THR B 67 10.57 -14.18 -1.81
N ARG B 68 11.67 -13.93 -2.54
CA ARG B 68 12.23 -14.89 -3.48
C ARG B 68 13.61 -15.25 -2.92
N GLY B 69 13.96 -16.54 -2.95
CA GLY B 69 15.22 -17.01 -2.36
C GLY B 69 15.11 -17.17 -0.86
N THR B 70 16.26 -17.20 -0.18
CA THR B 70 16.28 -17.49 1.25
C THR B 70 16.72 -16.23 2.00
N ILE B 71 15.88 -15.76 2.92
CA ILE B 71 16.25 -14.66 3.80
C ILE B 71 17.23 -15.21 4.85
N PRO B 72 18.47 -14.67 4.95
CA PRO B 72 19.41 -15.14 5.97
C PRO B 72 18.82 -15.07 7.37
N LYS B 73 18.90 -16.18 8.13
CA LYS B 73 18.52 -16.15 9.53
C LYS B 73 19.38 -15.22 10.38
N GLU B 74 20.58 -14.87 9.91
CA GLU B 74 21.46 -13.93 10.61
C GLU B 74 20.90 -12.50 10.65
N LEU B 75 19.95 -12.18 9.75
CA LEU B 75 19.36 -10.85 9.79
C LEU B 75 18.40 -10.73 10.96
N HIS B 76 18.69 -9.79 11.88
CA HIS B 76 17.90 -9.59 13.08
C HIS B 76 17.84 -8.11 13.37
N GLY B 77 16.83 -7.42 12.79
CA GLY B 77 16.87 -5.97 12.86
C GLY B 77 15.93 -5.39 11.82
N THR B 78 16.10 -4.08 11.56
CA THR B 78 15.13 -3.39 10.70
C THR B 78 15.94 -2.55 9.73
N PHE B 79 15.57 -2.60 8.45
CA PHE B 79 16.08 -1.69 7.43
C PHE B 79 15.02 -0.60 7.34
N TYR B 80 15.37 0.58 7.84
CA TYR B 80 14.49 1.73 7.78
C TYR B 80 14.97 2.61 6.65
N ARG B 81 14.04 3.03 5.79
CA ARG B 81 14.41 3.92 4.70
C ARG B 81 13.49 5.13 4.76
N ILE B 82 13.99 6.30 4.33
CA ILE B 82 13.15 7.50 4.41
C ILE B 82 13.13 8.14 3.04
N MET B 83 11.94 8.64 2.66
CA MET B 83 11.70 9.13 1.32
C MET B 83 10.95 10.45 1.38
N PRO B 84 11.17 11.35 0.41
CA PRO B 84 10.27 12.49 0.23
C PRO B 84 9.04 12.08 -0.56
N ASP B 85 7.86 12.40 -0.06
CA ASP B 85 6.65 12.00 -0.78
C ASP B 85 5.58 13.00 -0.36
N TYR B 86 5.54 14.14 -1.03
CA TYR B 86 4.57 15.16 -0.67
C TYR B 86 3.17 14.55 -0.46
N ALA B 87 2.62 14.78 0.74
CA ALA B 87 1.36 14.18 1.14
C ALA B 87 0.17 14.86 0.47
N GLN B 88 0.29 16.19 0.25
CA GLN B 88 -0.71 16.96 -0.46
C GLN B 88 -0.03 17.53 -1.71
N PRO B 89 -0.77 17.83 -2.81
CA PRO B 89 -0.14 18.46 -3.97
C PRO B 89 0.48 19.80 -3.61
N PRO B 90 1.80 20.01 -3.80
CA PRO B 90 2.48 21.16 -3.17
C PRO B 90 2.29 22.49 -3.91
N THR B 91 1.04 22.91 -4.04
CA THR B 91 0.67 23.91 -5.02
C THR B 91 0.70 25.32 -4.41
N TYR B 92 1.10 25.50 -3.13
CA TYR B 92 0.96 26.80 -2.47
C TYR B 92 1.68 27.93 -3.24
N TYR B 93 2.98 27.70 -3.53
CA TYR B 93 3.76 28.76 -4.14
C TYR B 93 4.03 28.46 -5.62
N LYS B 94 3.65 29.41 -6.50
CA LYS B 94 3.87 29.28 -7.95
C LYS B 94 3.36 27.93 -8.47
N GLY B 95 2.22 27.45 -7.94
CA GLY B 95 1.61 26.21 -8.37
C GLY B 95 2.48 24.98 -8.09
N GLY B 96 3.49 25.12 -7.21
CA GLY B 96 4.46 24.05 -6.94
C GLY B 96 5.43 23.80 -8.08
N GLU B 97 5.54 24.76 -9.04
CA GLU B 97 6.42 24.65 -10.20
C GLU B 97 7.89 24.51 -9.80
N LEU B 98 8.30 25.08 -8.64
CA LEU B 98 9.71 25.07 -8.26
C LEU B 98 9.98 24.14 -7.07
N ASN B 99 9.06 23.19 -6.80
CA ASN B 99 9.30 22.23 -5.73
C ASN B 99 10.57 21.45 -6.09
N ALA B 100 11.38 21.15 -5.08
CA ALA B 100 12.66 20.48 -5.31
C ALA B 100 12.51 18.99 -4.97
N PRO B 101 13.32 18.06 -5.54
CA PRO B 101 13.22 16.65 -5.20
C PRO B 101 13.48 16.33 -3.72
N ILE B 102 14.15 17.27 -3.04
CA ILE B 102 14.48 17.11 -1.62
C ILE B 102 13.42 17.72 -0.70
N ASP B 103 12.28 18.18 -1.25
CA ASP B 103 11.32 18.92 -0.46
C ASP B 103 10.25 18.04 0.21
N GLY B 104 9.81 16.94 -0.39
CA GLY B 104 8.51 16.35 -0.01
C GLY B 104 8.46 15.81 1.44
N ASP B 105 7.25 15.75 2.00
CA ASP B 105 7.00 15.21 3.34
C ASP B 105 7.68 13.87 3.53
N GLY B 106 8.43 13.77 4.66
CA GLY B 106 9.15 12.52 4.99
C GLY B 106 8.18 11.37 5.28
N THR B 107 8.49 10.21 4.66
CA THR B 107 7.74 9.01 4.99
C THR B 107 8.80 7.93 5.21
N VAL B 108 8.59 7.11 6.25
CA VAL B 108 9.56 6.09 6.59
C VAL B 108 8.97 4.74 6.18
N ALA B 109 9.80 3.93 5.49
CA ALA B 109 9.47 2.52 5.26
C ALA B 109 10.37 1.70 6.18
N ALA B 110 9.77 0.74 6.86
CA ALA B 110 10.54 -0.15 7.73
C ALA B 110 10.37 -1.58 7.20
N PHE B 111 11.49 -2.28 7.06
CA PHE B 111 11.50 -3.68 6.67
C PHE B 111 12.18 -4.45 7.79
N ARG B 112 11.35 -5.18 8.56
CA ARG B 112 11.85 -5.80 9.76
C ARG B 112 12.11 -7.28 9.48
N PHE B 113 13.34 -7.71 9.80
CA PHE B 113 13.82 -9.07 9.53
C PHE B 113 13.99 -9.78 10.87
N LYS B 114 13.25 -10.86 11.06
CA LYS B 114 13.36 -11.67 12.28
C LYS B 114 13.05 -13.12 11.93
N ASP B 115 14.03 -13.99 12.12
CA ASP B 115 13.90 -15.42 11.92
C ASP B 115 13.49 -15.72 10.48
N GLY B 116 14.08 -15.02 9.52
CA GLY B 116 13.83 -15.27 8.12
C GLY B 116 12.51 -14.65 7.63
N LYS B 117 11.71 -14.02 8.49
CA LYS B 117 10.50 -13.37 8.00
C LYS B 117 10.66 -11.86 7.92
N VAL B 118 9.91 -11.24 6.99
CA VAL B 118 10.07 -9.81 6.75
C VAL B 118 8.69 -9.17 6.84
N ASP B 119 8.56 -8.12 7.69
CA ASP B 119 7.36 -7.29 7.66
C ASP B 119 7.75 -5.91 7.16
N TYR B 120 6.72 -5.21 6.71
CA TYR B 120 6.88 -3.86 6.20
C TYR B 120 5.82 -2.95 6.80
N ARG B 121 6.28 -1.71 7.10
CA ARG B 121 5.37 -0.66 7.49
C ARG B 121 5.88 0.62 6.81
N GLN B 122 4.93 1.44 6.37
CA GLN B 122 5.28 2.78 5.91
C GLN B 122 4.37 3.80 6.59
N ARG B 123 4.94 4.92 7.01
CA ARG B 123 4.11 5.98 7.58
C ARG B 123 4.81 7.33 7.40
N PHE B 124 3.97 8.35 7.26
CA PHE B 124 4.50 9.72 7.23
C PHE B 124 4.93 10.14 8.63
N VAL B 125 6.03 10.89 8.64
CA VAL B 125 6.42 11.66 9.82
C VAL B 125 5.36 12.73 10.03
N GLU B 126 4.82 12.81 11.27
CA GLU B 126 3.81 13.83 11.54
C GLU B 126 4.50 15.13 11.95
N THR B 127 5.28 15.72 11.03
CA THR B 127 5.93 17.00 11.26
C THR B 127 4.84 18.06 11.51
N ASP B 128 5.22 19.16 12.17
CA ASP B 128 4.27 20.27 12.28
C ASP B 128 3.70 20.72 10.93
N ARG B 129 4.58 20.72 9.92
CA ARG B 129 4.20 21.05 8.56
C ARG B 129 3.19 20.05 7.98
N PHE B 130 3.47 18.75 8.15
CA PHE B 130 2.58 17.73 7.64
C PHE B 130 1.20 17.87 8.27
N LYS B 131 1.20 18.11 9.60
CA LYS B 131 -0.05 18.20 10.32
C LYS B 131 -0.88 19.40 9.84
N VAL B 132 -0.24 20.55 9.64
CA VAL B 132 -0.92 21.72 9.11
C VAL B 132 -1.58 21.36 7.78
N GLU B 133 -0.79 20.77 6.89
CA GLU B 133 -1.26 20.59 5.52
C GLU B 133 -2.33 19.50 5.44
N ARG B 134 -2.23 18.45 6.27
CA ARG B 134 -3.23 17.40 6.22
C ARG B 134 -4.55 17.91 6.81
N ARG B 135 -4.46 18.69 7.90
CA ARG B 135 -5.67 19.21 8.55
C ARG B 135 -6.37 20.20 7.62
N ALA B 136 -5.57 20.97 6.88
CA ALA B 136 -6.11 21.97 5.96
C ALA B 136 -6.50 21.33 4.62
N ARG B 137 -6.04 20.08 4.37
CA ARG B 137 -6.13 19.42 3.05
C ARG B 137 -5.56 20.39 1.98
N LYS B 138 -4.39 20.98 2.24
CA LYS B 138 -3.97 22.08 1.39
C LYS B 138 -2.48 22.35 1.64
N SER B 139 -1.73 22.49 0.54
CA SER B 139 -0.32 22.93 0.62
C SER B 139 -0.33 24.36 1.19
N MET B 140 0.53 24.61 2.19
CA MET B 140 0.64 25.92 2.85
C MET B 140 2.11 26.34 2.90
N TYR B 141 2.99 25.57 2.25
CA TYR B 141 4.42 25.85 2.30
C TYR B 141 4.92 26.04 0.87
N GLY B 142 5.93 26.92 0.71
CA GLY B 142 6.48 27.24 -0.60
C GLY B 142 7.80 26.54 -0.86
N LEU B 143 8.80 27.34 -1.25
CA LEU B 143 10.09 26.82 -1.65
C LEU B 143 10.84 26.20 -0.48
N TYR B 144 11.71 25.24 -0.82
CA TYR B 144 12.68 24.64 0.07
C TYR B 144 13.37 25.72 0.90
N ARG B 145 13.23 25.59 2.23
CA ARG B 145 13.91 26.43 3.22
C ARG B 145 13.66 27.93 2.99
N ASN B 146 12.46 28.30 2.51
CA ASN B 146 12.19 29.72 2.34
C ASN B 146 10.84 30.08 2.97
N PRO B 147 10.83 30.35 4.31
CA PRO B 147 9.63 30.80 5.01
C PRO B 147 8.91 32.04 4.44
N TYR B 148 9.64 32.89 3.70
CA TYR B 148 9.02 34.05 3.03
C TYR B 148 8.03 33.61 1.97
N THR B 149 8.12 32.37 1.46
CA THR B 149 7.20 31.86 0.45
C THR B 149 6.12 30.93 1.04
N HIS B 150 6.12 30.72 2.35
CA HIS B 150 5.08 29.96 3.01
C HIS B 150 3.87 30.85 3.25
N HIS B 151 2.73 30.19 3.54
CA HIS B 151 1.55 30.93 3.92
C HIS B 151 1.87 31.76 5.17
N PRO B 152 1.43 33.04 5.23
CA PRO B 152 1.71 33.90 6.38
C PRO B 152 1.47 33.27 7.75
N CYS B 153 0.41 32.44 7.88
CA CYS B 153 0.04 31.78 9.14
C CYS B 153 1.05 30.74 9.60
N VAL B 154 1.91 30.25 8.69
CA VAL B 154 2.84 29.17 9.03
C VAL B 154 4.31 29.58 8.93
N ARG B 155 4.59 30.86 8.69
CA ARG B 155 5.96 31.33 8.49
C ARG B 155 6.85 31.04 9.68
N GLN B 156 6.24 31.09 10.90
CA GLN B 156 7.01 30.93 12.11
C GLN B 156 6.82 29.52 12.68
N THR B 157 6.57 28.55 11.81
CA THR B 157 6.52 27.16 12.22
C THR B 157 7.91 26.54 11.95
N VAL B 158 8.12 25.35 12.50
CA VAL B 158 9.20 24.49 12.05
C VAL B 158 8.77 23.94 10.67
N GLU B 159 9.60 24.22 9.65
CA GLU B 159 9.20 23.93 8.27
C GLU B 159 9.78 22.60 7.79
N SER B 160 10.56 21.93 8.65
CA SER B 160 11.18 20.65 8.32
C SER B 160 10.14 19.61 7.88
N THR B 161 10.45 18.90 6.78
CA THR B 161 9.65 17.75 6.35
C THR B 161 10.29 16.45 6.83
N ALA B 162 11.40 16.52 7.57
CA ALA B 162 11.98 15.37 8.26
C ALA B 162 12.09 14.17 7.32
N ASN B 163 12.82 14.36 6.20
CA ASN B 163 12.69 13.40 5.11
C ASN B 163 14.04 12.88 4.60
N THR B 164 15.15 13.08 5.33
CA THR B 164 16.49 12.82 4.82
C THR B 164 17.12 11.56 5.40
N ASN B 165 17.08 11.37 6.72
CA ASN B 165 17.81 10.23 7.31
C ASN B 165 17.17 9.86 8.64
N VAL B 166 17.59 8.70 9.18
CA VAL B 166 17.06 8.22 10.43
C VAL B 166 18.21 7.72 11.29
N VAL B 167 17.97 7.66 12.61
CA VAL B 167 18.96 7.13 13.54
C VAL B 167 18.25 6.62 14.77
N MET B 168 18.81 5.57 15.40
CA MET B 168 18.39 5.09 16.69
C MET B 168 19.53 5.41 17.66
N HIS B 169 19.22 6.28 18.63
CA HIS B 169 20.26 6.72 19.58
C HIS B 169 19.62 6.84 20.95
N ALA B 170 20.27 6.25 21.97
CA ALA B 170 19.81 6.36 23.35
C ALA B 170 18.35 5.90 23.47
N GLY B 171 18.00 4.83 22.73
CA GLY B 171 16.67 4.22 22.76
C GLY B 171 15.61 5.02 22.02
N ARG B 172 16.02 6.05 21.26
CA ARG B 172 15.04 6.92 20.61
C ARG B 172 15.28 6.86 19.09
N PHE B 173 14.18 6.73 18.33
CA PHE B 173 14.27 6.61 16.88
C PHE B 173 13.89 7.96 16.29
N LEU B 174 14.79 8.51 15.47
CA LEU B 174 14.63 9.89 15.00
C LEU B 174 14.55 9.95 13.47
N ALA B 175 13.68 10.85 12.95
CA ALA B 175 13.69 11.22 11.54
C ALA B 175 14.27 12.64 11.46
N MET B 176 15.18 12.87 10.49
CA MET B 176 16.03 14.06 10.50
C MET B 176 15.94 14.78 9.16
N LYS B 177 16.02 16.10 9.22
CA LYS B 177 16.27 16.96 8.08
C LYS B 177 16.99 18.18 8.66
N GLU B 178 18.00 18.64 7.93
CA GLU B 178 18.98 19.57 8.47
C GLU B 178 18.45 20.98 8.76
N ASN B 179 17.22 21.32 8.30
CA ASN B 179 16.64 22.62 8.61
C ASN B 179 15.82 22.64 9.91
N GLY B 180 15.85 21.58 10.72
CA GLY B 180 15.23 21.61 12.03
C GLY B 180 15.87 20.57 12.94
N ASN B 181 15.43 20.52 14.19
CA ASN B 181 15.75 19.36 15.01
C ASN B 181 14.94 18.14 14.53
N ALA B 182 15.29 16.97 15.08
CA ALA B 182 14.72 15.69 14.66
C ALA B 182 13.29 15.59 15.21
N TYR B 183 12.50 14.77 14.53
CA TYR B 183 11.27 14.28 15.12
C TYR B 183 11.47 12.85 15.59
N GLU B 184 10.94 12.53 16.78
CA GLU B 184 11.00 11.17 17.30
C GLU B 184 9.78 10.38 16.87
N MET B 185 10.01 9.10 16.53
CA MET B 185 8.90 8.25 16.16
C MET B 185 9.04 6.94 16.92
N ASP B 186 7.91 6.27 17.09
CA ASP B 186 7.91 4.94 17.66
C ASP B 186 8.55 4.00 16.63
N PRO B 187 9.52 3.13 17.00
CA PRO B 187 10.19 2.32 15.98
C PRO B 187 9.39 1.14 15.43
N HIS B 188 8.22 0.89 16.01
CA HIS B 188 7.39 -0.25 15.62
C HIS B 188 6.15 0.23 14.89
N THR B 189 5.45 1.24 15.42
CA THR B 189 4.23 1.74 14.82
C THR B 189 4.55 2.91 13.89
N LEU B 190 5.75 3.51 14.05
CA LEU B 190 6.14 4.73 13.35
C LEU B 190 5.25 5.93 13.72
N LYS B 191 4.51 5.85 14.84
CA LYS B 191 3.77 7.02 15.33
C LYS B 191 4.78 8.10 15.73
N THR B 192 4.46 9.37 15.40
CA THR B 192 5.32 10.48 15.79
C THR B 192 5.09 10.79 17.27
N LEU B 193 6.19 10.96 18.02
CA LEU B 193 6.16 11.09 19.48
C LEU B 193 6.51 12.52 19.93
N GLY B 194 7.24 13.28 19.11
CA GLY B 194 7.61 14.62 19.55
C GLY B 194 8.73 15.19 18.70
N TYR B 195 9.16 16.41 19.06
CA TYR B 195 10.21 17.14 18.35
C TYR B 195 11.35 17.42 19.30
N ASN B 196 12.57 17.36 18.77
CA ASN B 196 13.78 17.73 19.48
C ASN B 196 13.89 16.95 20.79
N PRO B 197 13.91 15.60 20.72
CA PRO B 197 13.92 14.78 21.92
C PRO B 197 15.11 14.99 22.85
N PHE B 198 16.28 15.29 22.27
CA PHE B 198 17.48 15.60 23.04
C PHE B 198 17.60 17.07 23.48
N ASN B 199 16.59 17.87 23.13
CA ASN B 199 16.47 19.24 23.59
C ASN B 199 17.70 20.06 23.19
N LEU B 200 18.17 19.88 21.96
CA LEU B 200 19.30 20.69 21.50
C LEU B 200 18.92 22.17 21.50
N PRO B 201 19.88 23.06 21.86
CA PRO B 201 19.62 24.50 21.89
C PRO B 201 19.64 25.15 20.52
N SER B 202 20.24 24.48 19.51
CA SER B 202 20.24 25.02 18.15
C SER B 202 18.83 24.87 17.55
N LYS B 203 18.55 25.65 16.49
CA LYS B 203 17.28 25.50 15.80
C LYS B 203 17.35 24.32 14.81
N THR B 204 18.54 23.77 14.62
CA THR B 204 18.73 22.73 13.60
C THR B 204 19.58 21.60 14.14
N MET B 205 19.45 20.43 13.50
CA MET B 205 20.42 19.38 13.67
C MET B 205 20.66 18.77 12.28
N THR B 206 21.92 18.48 11.99
CA THR B 206 22.30 17.70 10.82
C THR B 206 21.47 16.42 10.70
N ALA B 207 21.23 16.02 9.45
CA ALA B 207 20.66 14.70 9.19
C ALA B 207 21.77 13.67 9.03
N HIS B 208 23.03 14.08 9.28
CA HIS B 208 24.17 13.17 9.21
C HIS B 208 24.97 13.14 10.51
N PRO B 209 24.34 12.93 11.69
CA PRO B 209 25.14 12.70 12.90
C PRO B 209 25.79 11.32 12.83
N LYS B 210 26.91 11.19 13.55
CA LYS B 210 27.67 9.95 13.46
C LYS B 210 27.72 9.32 14.85
N GLN B 211 27.42 8.00 14.89
CA GLN B 211 27.38 7.33 16.18
C GLN B 211 28.75 6.69 16.39
N CYS B 212 29.51 7.30 17.30
CA CYS B 212 30.89 6.95 17.61
C CYS B 212 30.94 5.51 18.15
N SER B 213 31.75 4.66 17.51
CA SER B 213 31.87 3.27 17.92
C SER B 213 32.69 3.12 19.21
N VAL B 214 33.40 4.19 19.62
CA VAL B 214 34.25 4.14 20.81
C VAL B 214 33.46 4.55 22.06
N THR B 215 32.80 5.70 22.02
CA THR B 215 32.12 6.28 23.15
C THR B 215 30.63 5.96 23.11
N GLY B 216 30.12 5.64 21.90
CA GLY B 216 28.67 5.48 21.76
C GLY B 216 27.96 6.83 21.60
N ASN B 217 28.73 7.92 21.60
CA ASN B 217 28.14 9.26 21.46
C ASN B 217 27.58 9.47 20.04
N LEU B 218 26.42 10.16 19.98
CA LEU B 218 25.92 10.72 18.74
C LEU B 218 26.61 12.05 18.56
N VAL B 219 27.47 12.11 17.52
CA VAL B 219 28.30 13.29 17.29
C VAL B 219 27.77 14.03 16.09
N GLY B 220 27.46 15.31 16.29
CA GLY B 220 26.96 16.04 15.14
C GLY B 220 27.06 17.53 15.34
N PHE B 221 26.20 18.23 14.59
CA PHE B 221 26.24 19.67 14.51
C PHE B 221 24.88 20.12 13.96
N GLY B 222 24.61 21.41 14.06
CA GLY B 222 23.55 22.00 13.26
C GLY B 222 24.08 23.31 12.70
N TYR B 223 23.82 23.58 11.41
CA TYR B 223 24.26 24.84 10.82
C TYR B 223 23.02 25.68 10.58
N GLU B 224 23.21 26.98 10.22
CA GLU B 224 22.11 27.94 10.38
C GLU B 224 21.46 27.80 11.76
N ALA B 225 22.32 27.61 12.76
CA ALA B 225 21.85 27.15 14.07
C ALA B 225 21.04 28.23 14.79
N LYS B 226 21.11 29.49 14.34
CA LYS B 226 20.37 30.57 15.00
C LYS B 226 19.31 31.12 14.06
N GLY B 227 19.02 30.42 12.95
CA GLY B 227 17.92 30.88 12.11
C GLY B 227 18.36 31.05 10.66
N LEU B 228 17.40 31.45 9.81
CA LEU B 228 17.64 31.63 8.38
C LEU B 228 18.88 32.47 8.07
N ALA B 229 19.77 31.88 7.27
CA ALA B 229 20.98 32.44 6.72
C ALA B 229 22.03 32.76 7.79
N THR B 230 21.92 32.20 9.01
CA THR B 230 22.92 32.50 10.03
C THR B 230 24.16 31.67 9.77
N LYS B 231 25.34 32.25 10.06
CA LYS B 231 26.59 31.52 9.91
C LYS B 231 26.89 30.60 11.11
N ASP B 232 26.10 30.71 12.17
CA ASP B 232 26.32 29.92 13.38
C ASP B 232 26.23 28.42 13.15
N VAL B 233 27.20 27.72 13.74
CA VAL B 233 27.20 26.26 13.77
C VAL B 233 27.30 25.83 15.24
N TYR B 234 26.46 24.85 15.62
CA TYR B 234 26.49 24.27 16.95
C TYR B 234 26.98 22.82 16.83
N TYR B 235 28.13 22.50 17.44
CA TYR B 235 28.63 21.14 17.52
C TYR B 235 28.17 20.51 18.84
N PHE B 236 27.90 19.20 18.82
CA PHE B 236 27.48 18.52 20.04
C PHE B 236 27.93 17.06 19.97
N GLU B 237 27.99 16.46 21.17
CA GLU B 237 28.00 15.00 21.34
C GLU B 237 26.97 14.66 22.42
N VAL B 238 26.02 13.79 22.03
CA VAL B 238 24.97 13.28 22.91
C VAL B 238 25.41 11.89 23.34
N ASP B 239 25.48 11.67 24.66
CA ASP B 239 25.98 10.41 25.16
C ASP B 239 24.91 9.32 25.03
N PRO B 240 25.25 8.01 25.26
CA PRO B 240 24.27 6.93 25.22
C PRO B 240 23.05 7.08 26.13
N SER B 241 23.11 8.03 27.08
CA SER B 241 22.01 8.26 27.99
C SER B 241 21.14 9.41 27.52
N GLY B 242 21.49 10.07 26.41
CA GLY B 242 20.67 11.13 25.82
C GLY B 242 21.03 12.54 26.31
N LYS B 243 22.20 12.69 26.94
CA LYS B 243 22.64 13.96 27.49
C LYS B 243 23.74 14.57 26.59
N VAL B 244 23.69 15.90 26.42
CA VAL B 244 24.75 16.60 25.69
C VAL B 244 25.95 16.67 26.65
N VAL B 245 27.05 16.02 26.29
CA VAL B 245 28.23 15.90 27.14
C VAL B 245 29.34 16.81 26.62
N ARG B 246 29.29 17.21 25.34
CA ARG B 246 30.24 18.13 24.73
C ARG B 246 29.45 19.00 23.77
N ASP B 247 29.78 20.29 23.72
CA ASP B 247 29.21 21.15 22.69
C ASP B 247 30.10 22.36 22.53
N LEU B 248 29.82 23.15 21.48
CA LEU B 248 30.61 24.33 21.14
C LEU B 248 29.81 25.09 20.10
N TRP B 249 29.72 26.42 20.32
CA TRP B 249 29.25 27.32 19.27
C TRP B 249 30.43 27.88 18.47
N LEU B 250 30.26 27.89 17.14
CA LEU B 250 31.29 28.35 16.22
C LEU B 250 30.57 28.93 15.01
N GLU B 251 31.35 29.28 13.98
CA GLU B 251 30.77 29.85 12.77
C GLU B 251 31.45 29.20 11.57
N ALA B 252 30.70 29.12 10.48
CA ALA B 252 31.24 28.78 9.19
C ALA B 252 31.76 30.06 8.51
N PRO B 253 32.74 29.95 7.58
CA PRO B 253 33.29 31.13 6.89
C PRO B 253 32.27 31.91 6.06
N TRP B 254 31.26 31.21 5.55
CA TRP B 254 30.09 31.86 4.95
C TRP B 254 28.90 30.99 5.31
N CYS B 255 27.67 31.44 4.99
CA CYS B 255 26.53 30.59 5.29
C CYS B 255 26.46 29.52 4.21
N ALA B 256 27.05 28.36 4.52
CA ALA B 256 27.31 27.29 3.56
C ALA B 256 26.33 26.14 3.79
N PHE B 257 26.16 25.34 2.75
CA PHE B 257 25.29 24.17 2.82
C PHE B 257 26.16 23.03 3.35
N ILE B 258 26.03 22.77 4.65
CA ILE B 258 26.90 21.82 5.35
C ILE B 258 26.09 20.55 5.58
N HIS B 259 26.02 19.72 4.54
CA HIS B 259 25.10 18.58 4.56
C HIS B 259 25.63 17.43 5.42
N ASP B 260 26.94 17.16 5.28
CA ASP B 260 27.49 15.94 5.84
C ASP B 260 28.83 16.28 6.52
N CYS B 261 29.42 15.26 7.14
CA CYS B 261 30.60 15.41 7.97
C CYS B 261 31.29 14.06 8.04
N ALA B 262 32.47 14.07 8.69
CA ALA B 262 33.16 12.81 8.98
C ALA B 262 33.63 12.83 10.43
N LEU B 263 33.46 11.69 11.09
CA LEU B 263 33.88 11.55 12.47
C LEU B 263 35.19 10.76 12.46
N THR B 264 36.14 11.25 13.26
CA THR B 264 37.38 10.51 13.53
C THR B 264 37.56 10.43 15.06
N PRO B 265 38.60 9.73 15.60
CA PRO B 265 38.74 9.65 17.05
C PRO B 265 38.81 11.01 17.74
N ASN B 266 39.45 11.97 17.08
CA ASN B 266 39.77 13.26 17.71
C ASN B 266 39.06 14.44 17.06
N TYR B 267 38.30 14.23 15.97
CA TYR B 267 37.73 15.38 15.26
C TYR B 267 36.33 15.07 14.74
N LEU B 268 35.50 16.10 14.69
CA LEU B 268 34.38 16.10 13.76
C LEU B 268 34.75 17.05 12.64
N VAL B 269 34.60 16.59 11.40
CA VAL B 269 35.02 17.37 10.26
C VAL B 269 33.79 17.71 9.44
N LEU B 270 33.50 19.02 9.31
CA LEU B 270 32.31 19.45 8.56
C LEU B 270 32.69 19.65 7.10
N MET B 271 31.76 19.29 6.20
CA MET B 271 32.06 19.35 4.77
C MET B 271 31.17 20.43 4.15
N LEU B 272 31.79 21.51 3.65
CA LEU B 272 31.00 22.61 3.12
C LEU B 272 30.86 22.45 1.62
N TRP B 273 29.60 22.46 1.13
CA TRP B 273 29.30 22.56 -0.28
C TRP B 273 29.36 24.03 -0.71
N PRO B 274 29.69 24.31 -1.98
CA PRO B 274 29.82 25.68 -2.47
C PRO B 274 28.48 26.29 -2.84
N PHE B 275 27.55 26.28 -1.87
CA PHE B 275 26.32 27.05 -2.02
C PHE B 275 26.36 28.08 -0.91
N GLU B 276 25.71 29.23 -1.15
CA GLU B 276 25.61 30.26 -0.13
C GLU B 276 24.15 30.63 0.00
N ALA B 277 23.76 30.91 1.26
CA ALA B 277 22.38 31.34 1.54
C ALA B 277 22.37 32.86 1.61
N ASN B 278 21.26 33.49 1.18
CA ASN B 278 21.20 34.95 1.13
C ASN B 278 19.79 35.35 1.56
N LEU B 279 19.68 36.06 2.70
CA LEU B 279 18.39 36.44 3.28
C LEU B 279 17.58 37.31 2.32
N GLU B 280 18.25 38.27 1.65
CA GLU B 280 17.57 39.20 0.75
C GLU B 280 16.97 38.45 -0.44
N ARG B 281 17.71 37.47 -0.97
CA ARG B 281 17.20 36.61 -2.04
C ARG B 281 15.97 35.83 -1.57
N MET B 282 16.03 35.27 -0.35
CA MET B 282 14.86 34.55 0.15
C MET B 282 13.67 35.49 0.26
N LYS B 283 13.89 36.69 0.81
CA LYS B 283 12.79 37.62 1.01
C LYS B 283 12.14 37.99 -0.32
N ALA B 284 12.94 37.98 -1.39
CA ALA B 284 12.47 38.25 -2.74
C ALA B 284 11.82 37.04 -3.39
N GLY B 285 11.73 35.89 -2.67
CA GLY B 285 11.00 34.76 -3.20
C GLY B 285 11.87 33.82 -4.00
N GLY B 286 13.21 33.98 -3.88
CA GLY B 286 14.19 33.16 -4.57
C GLY B 286 14.56 31.99 -3.67
N HIS B 287 15.44 31.13 -4.20
CA HIS B 287 15.88 29.96 -3.45
C HIS B 287 16.75 30.33 -2.25
N HIS B 288 16.70 29.41 -1.27
CA HIS B 288 17.55 29.51 -0.10
C HIS B 288 19.03 29.55 -0.52
N TRP B 289 19.41 28.61 -1.38
CA TRP B 289 20.79 28.36 -1.76
C TRP B 289 21.00 28.77 -3.20
N ALA B 290 22.24 29.21 -3.49
CA ALA B 290 22.68 29.41 -4.87
C ALA B 290 24.09 28.85 -4.97
N TYR B 291 24.33 28.00 -5.97
CA TYR B 291 25.67 27.46 -6.16
C TYR B 291 26.63 28.60 -6.55
N ASP B 292 27.86 28.49 -6.07
CA ASP B 292 28.83 29.54 -6.36
C ASP B 292 30.11 28.85 -6.84
N TYR B 293 30.39 28.95 -8.15
CA TYR B 293 31.62 28.36 -8.71
C TYR B 293 32.90 28.93 -8.12
N THR B 294 32.83 30.11 -7.45
CA THR B 294 34.03 30.71 -6.88
C THR B 294 34.35 30.16 -5.48
N LYS B 295 33.43 29.41 -4.87
CA LYS B 295 33.69 28.90 -3.53
C LYS B 295 34.45 27.58 -3.62
N PRO B 296 35.56 27.40 -2.86
CA PRO B 296 36.26 26.12 -2.84
C PRO B 296 35.53 25.19 -1.90
N ILE B 297 35.60 23.88 -2.17
CA ILE B 297 35.26 22.91 -1.15
C ILE B 297 36.03 23.28 0.11
N THR B 298 35.30 23.41 1.23
CA THR B 298 35.90 23.82 2.49
C THR B 298 35.55 22.80 3.57
N TRP B 299 36.51 22.51 4.45
CA TRP B 299 36.31 21.63 5.59
C TRP B 299 36.55 22.42 6.86
N ILE B 300 35.78 22.11 7.90
CA ILE B 300 35.93 22.70 9.23
C ILE B 300 36.33 21.56 10.16
N THR B 301 37.56 21.61 10.72
CA THR B 301 37.93 20.60 11.69
C THR B 301 37.54 21.11 13.07
N ILE B 302 36.83 20.29 13.85
CA ILE B 302 36.44 20.62 15.20
C ILE B 302 37.06 19.55 16.07
N PRO B 303 38.11 19.89 16.86
CA PRO B 303 38.61 18.94 17.86
C PRO B 303 37.48 18.49 18.77
N ARG B 304 37.33 17.18 18.95
CA ARG B 304 36.25 16.67 19.78
C ARG B 304 36.47 17.13 21.22
N GLY B 305 35.40 17.65 21.84
CA GLY B 305 35.49 18.24 23.16
C GLY B 305 36.27 19.55 23.22
N ALA B 306 36.45 20.25 22.06
CA ALA B 306 37.10 21.56 22.03
C ALA B 306 36.54 22.49 23.09
N LYS B 307 37.45 23.22 23.76
CA LYS B 307 37.06 24.16 24.81
C LYS B 307 36.80 25.55 24.23
N SER B 308 37.30 25.80 23.02
CA SER B 308 37.22 27.11 22.42
C SER B 308 37.08 26.97 20.91
N LYS B 309 36.32 27.90 20.31
CA LYS B 309 36.22 27.98 18.87
C LYS B 309 37.56 28.35 18.23
N ASP B 310 38.52 28.80 19.05
CA ASP B 310 39.86 29.09 18.53
C ASP B 310 40.58 27.81 18.09
N GLU B 311 40.09 26.63 18.52
CA GLU B 311 40.71 25.36 18.15
C GLU B 311 40.24 24.86 16.78
N VAL B 312 39.15 25.45 16.28
CA VAL B 312 38.54 25.07 15.01
C VAL B 312 39.35 25.65 13.85
N LYS B 313 39.53 24.87 12.78
CA LYS B 313 40.29 25.34 11.61
C LYS B 313 39.50 25.10 10.33
N TYR B 314 39.71 25.99 9.35
CA TYR B 314 39.12 25.92 8.02
C TYR B 314 40.20 25.46 7.04
N TRP B 315 39.84 24.48 6.20
CA TRP B 315 40.72 23.93 5.17
C TRP B 315 40.01 24.08 3.83
N HIS B 316 40.76 24.29 2.75
CA HIS B 316 40.08 24.52 1.47
C HIS B 316 40.76 23.74 0.37
N TRP B 317 39.96 23.38 -0.65
CA TRP B 317 40.54 22.80 -1.85
C TRP B 317 40.15 23.68 -3.03
N LYS B 318 39.21 23.23 -3.87
CA LYS B 318 38.82 23.96 -5.07
C LYS B 318 37.32 23.73 -5.24
N ASN B 319 36.70 24.38 -6.22
CA ASN B 319 35.25 24.25 -6.39
C ASN B 319 34.85 22.82 -6.80
N GLY B 320 33.71 22.37 -6.27
CA GLY B 320 33.09 21.12 -6.63
C GLY B 320 32.12 20.73 -5.50
N MET B 321 31.49 19.56 -5.60
CA MET B 321 30.43 19.20 -4.67
C MET B 321 30.66 17.77 -4.20
N PRO B 322 31.32 17.60 -3.02
CA PRO B 322 31.46 16.29 -2.42
C PRO B 322 30.21 16.01 -1.57
N ILE B 323 29.37 15.07 -2.03
CA ILE B 323 27.99 15.07 -1.54
C ILE B 323 27.92 14.39 -0.16
N HIS B 324 28.50 13.18 -0.07
CA HIS B 324 28.44 12.38 1.14
C HIS B 324 29.81 11.79 1.42
N THR B 325 30.10 11.68 2.71
CA THR B 325 31.28 10.93 3.12
C THR B 325 30.89 9.46 3.29
N ALA B 326 31.87 8.59 3.06
CA ALA B 326 31.77 7.20 3.50
C ALA B 326 32.01 7.25 5.01
N SER B 327 33.28 7.42 5.41
CA SER B 327 33.58 7.86 6.76
C SER B 327 34.96 8.55 6.75
N GLY B 328 35.49 8.78 7.95
CA GLY B 328 36.86 9.24 8.11
C GLY B 328 37.58 8.50 9.21
N PHE B 329 38.88 8.75 9.32
CA PHE B 329 39.66 8.20 10.42
C PHE B 329 40.96 9.00 10.48
N GLU B 330 41.73 8.74 11.56
CA GLU B 330 43.07 9.29 11.67
C GLU B 330 44.05 8.16 11.43
N ASP B 331 44.96 8.39 10.49
CA ASP B 331 45.98 7.41 10.18
C ASP B 331 47.03 7.42 11.30
N GLU B 332 48.06 6.59 11.14
CA GLU B 332 49.08 6.39 12.18
C GLU B 332 49.84 7.69 12.49
N GLN B 333 49.90 8.61 11.52
CA GLN B 333 50.58 9.90 11.61
C GLN B 333 49.63 11.01 12.06
N GLY B 334 48.36 10.67 12.35
CA GLY B 334 47.37 11.61 12.84
C GLY B 334 46.68 12.35 11.69
N ARG B 335 46.91 11.92 10.45
CA ARG B 335 46.30 12.66 9.34
C ARG B 335 44.84 12.20 9.23
N ILE B 336 43.98 13.15 8.90
CA ILE B 336 42.54 12.91 8.71
C ILE B 336 42.33 12.42 7.28
N ILE B 337 41.78 11.20 7.15
CA ILE B 337 41.54 10.59 5.86
C ILE B 337 40.02 10.46 5.72
N ILE B 338 39.46 11.00 4.65
CA ILE B 338 38.01 10.97 4.46
C ILE B 338 37.75 10.57 3.01
N ASP B 339 36.84 9.61 2.78
CA ASP B 339 36.46 9.31 1.41
C ASP B 339 35.07 9.88 1.21
N SER B 340 34.86 10.42 0.01
CA SER B 340 33.56 10.98 -0.32
C SER B 340 33.27 10.82 -1.80
N SER B 341 31.96 11.00 -2.15
CA SER B 341 31.69 11.28 -3.55
C SER B 341 32.24 12.66 -3.91
N LEU B 342 32.51 12.88 -5.20
CA LEU B 342 32.90 14.20 -5.68
C LEU B 342 32.27 14.38 -7.03
N VAL B 343 31.40 15.39 -7.10
CA VAL B 343 30.85 15.86 -8.35
C VAL B 343 31.55 17.17 -8.71
N HIS B 344 32.10 17.22 -9.94
CA HIS B 344 32.94 18.35 -10.35
C HIS B 344 32.08 19.48 -10.88
N GLY B 345 31.14 19.98 -10.07
CA GLY B 345 30.11 20.88 -10.55
C GLY B 345 28.85 20.71 -9.70
N ASN B 346 27.74 21.26 -10.20
CA ASN B 346 26.53 21.36 -9.39
C ASN B 346 25.65 20.11 -9.58
N ALA B 347 25.62 19.23 -8.55
CA ALA B 347 24.75 18.05 -8.54
C ALA B 347 23.30 18.40 -8.22
N PHE B 348 23.06 19.65 -7.75
CA PHE B 348 21.69 20.13 -7.51
C PHE B 348 21.43 21.33 -8.44
N PRO B 349 21.30 21.11 -9.77
CA PRO B 349 21.18 22.22 -10.70
C PRO B 349 19.90 23.03 -10.51
N PHE B 350 18.93 22.50 -9.76
CA PHE B 350 17.67 23.18 -9.42
C PHE B 350 17.92 24.31 -8.41
N PHE B 351 19.12 24.37 -7.82
CA PHE B 351 19.58 25.53 -7.02
C PHE B 351 20.71 26.19 -7.79
N PRO B 352 20.43 26.88 -8.91
CA PRO B 352 21.50 27.43 -9.74
C PRO B 352 22.24 28.60 -9.07
N PRO B 353 23.35 29.09 -9.67
CA PRO B 353 23.98 30.31 -9.19
C PRO B 353 23.07 31.51 -9.33
N ASP B 354 23.43 32.56 -8.60
CA ASP B 354 22.74 33.83 -8.63
C ASP B 354 22.99 34.59 -9.93
N SER B 355 24.26 34.71 -10.34
CA SER B 355 24.61 35.64 -11.41
C SER B 355 24.32 35.02 -12.77
N ASP B 356 24.03 35.89 -13.76
CA ASP B 356 23.83 35.40 -15.12
C ASP B 356 25.06 34.68 -15.62
N GLU B 357 26.26 35.24 -15.34
CA GLU B 357 27.51 34.62 -15.73
C GLU B 357 27.62 33.17 -15.23
N GLN B 358 27.38 32.97 -13.92
CA GLN B 358 27.57 31.64 -13.37
C GLN B 358 26.44 30.70 -13.81
N LYS B 359 25.23 31.22 -14.02
CA LYS B 359 24.14 30.44 -14.61
C LYS B 359 24.56 29.87 -15.95
N LYS B 360 25.18 30.69 -16.80
CA LYS B 360 25.62 30.23 -18.11
C LYS B 360 26.68 29.14 -17.97
N LYS B 361 27.59 29.27 -16.99
CA LYS B 361 28.60 28.24 -16.73
C LYS B 361 27.93 26.91 -16.37
N GLN B 362 26.89 26.98 -15.52
CA GLN B 362 26.18 25.77 -15.12
C GLN B 362 25.61 25.07 -16.35
N GLU B 363 24.95 25.84 -17.24
CA GLU B 363 24.36 25.29 -18.44
C GLU B 363 25.45 24.71 -19.34
N ALA B 364 26.54 25.47 -19.49
CA ALA B 364 27.69 25.05 -20.29
C ALA B 364 28.28 23.72 -19.83
N ASP B 365 28.45 23.58 -18.51
CA ASP B 365 29.10 22.40 -17.93
C ASP B 365 28.29 21.13 -18.15
N GLY B 366 26.96 21.24 -18.27
CA GLY B 366 26.08 20.09 -18.37
C GLY B 366 26.25 19.14 -17.19
N THR B 367 26.19 17.82 -17.40
CA THR B 367 26.32 16.87 -16.30
C THR B 367 27.78 16.77 -15.91
N PRO B 368 28.19 17.12 -14.67
CA PRO B 368 29.62 17.11 -14.30
C PRO B 368 30.20 15.72 -14.19
N LYS B 369 31.54 15.65 -14.23
CA LYS B 369 32.27 14.45 -13.90
C LYS B 369 31.97 14.10 -12.43
N ALA B 370 31.83 12.80 -12.14
CA ALA B 370 31.50 12.34 -10.80
C ALA B 370 32.34 11.11 -10.48
N GLN B 371 32.93 11.11 -9.29
CA GLN B 371 33.86 10.08 -8.85
C GLN B 371 33.71 9.85 -7.35
N PHE B 372 34.43 8.83 -6.84
CA PHE B 372 34.55 8.57 -5.42
C PHE B 372 36.03 8.79 -5.10
N VAL B 373 36.32 9.67 -4.11
CA VAL B 373 37.67 10.18 -3.92
C VAL B 373 38.07 10.09 -2.44
N ARG B 374 39.39 10.24 -2.17
CA ARG B 374 39.94 10.24 -0.83
C ARG B 374 40.69 11.56 -0.57
N TRP B 375 40.31 12.24 0.51
CA TRP B 375 40.89 13.50 0.98
C TRP B 375 41.88 13.20 2.08
N THR B 376 42.95 14.01 2.15
CA THR B 376 43.92 13.97 3.23
C THR B 376 44.01 15.39 3.81
N ILE B 377 43.66 15.50 5.09
CA ILE B 377 43.74 16.75 5.83
C ILE B 377 44.72 16.46 6.95
N ASP B 378 45.95 16.95 6.73
CA ASP B 378 47.04 16.67 7.64
C ASP B 378 47.11 17.82 8.64
N PRO B 379 46.72 17.60 9.93
CA PRO B 379 46.69 18.68 10.90
C PRO B 379 48.06 19.26 11.28
N ARG B 380 49.15 18.57 10.87
CA ARG B 380 50.52 19.11 11.04
C ARG B 380 50.75 20.28 10.07
N LYS B 381 49.93 20.42 9.02
CA LYS B 381 50.18 21.39 7.96
C LYS B 381 49.47 22.71 8.26
N ASP B 382 49.89 23.77 7.58
CA ASP B 382 49.24 25.07 7.68
C ASP B 382 47.91 24.99 6.92
N ASN B 383 46.81 25.25 7.62
CA ASN B 383 45.45 25.17 7.05
C ASN B 383 45.19 26.25 6.00
N ASN B 384 46.05 27.29 5.93
CA ASN B 384 45.94 28.31 4.90
C ASN B 384 46.40 27.80 3.54
N GLU B 385 47.18 26.71 3.53
CA GLU B 385 47.67 26.16 2.28
C GLU B 385 46.56 25.28 1.71
N GLN B 386 46.32 25.43 0.40
CA GLN B 386 45.34 24.62 -0.31
C GLN B 386 45.64 23.14 -0.09
N LEU B 387 44.58 22.37 0.13
CA LEU B 387 44.67 20.94 0.34
C LEU B 387 45.22 20.27 -0.92
N PRO B 388 45.91 19.11 -0.78
CA PRO B 388 46.25 18.30 -1.93
C PRO B 388 45.02 17.81 -2.69
N ASP B 389 45.15 17.65 -4.01
CA ASP B 389 44.09 17.04 -4.80
C ASP B 389 43.72 15.69 -4.21
N PRO B 390 42.40 15.38 -4.11
CA PRO B 390 42.01 14.10 -3.54
C PRO B 390 42.39 12.96 -4.48
N GLU B 391 42.62 11.76 -3.95
CA GLU B 391 42.92 10.60 -4.79
C GLU B 391 41.63 9.99 -5.34
N VAL B 392 41.60 9.70 -6.65
CA VAL B 392 40.44 9.05 -7.25
C VAL B 392 40.48 7.58 -6.86
N ILE B 393 39.40 7.13 -6.20
CA ILE B 393 39.27 5.77 -5.72
C ILE B 393 38.42 4.97 -6.71
N LEU B 394 37.23 5.48 -7.04
CA LEU B 394 36.43 4.96 -8.13
C LEU B 394 36.18 6.06 -9.15
N ASP B 395 36.56 5.76 -10.39
CA ASP B 395 36.35 6.67 -11.50
C ASP B 395 35.01 6.38 -12.16
N THR B 396 33.95 6.43 -11.35
CA THR B 396 32.59 6.26 -11.85
C THR B 396 31.69 7.10 -10.95
N PRO B 397 30.55 7.60 -11.46
CA PRO B 397 29.59 8.28 -10.59
C PRO B 397 29.18 7.36 -9.45
N SER B 398 29.25 7.94 -8.24
CA SER B 398 29.22 7.24 -6.97
C SER B 398 28.45 8.13 -6.01
N GLU B 399 27.55 7.53 -5.23
CA GLU B 399 26.82 8.32 -4.25
C GLU B 399 26.33 7.37 -3.17
N PHE B 400 25.71 7.94 -2.13
CA PHE B 400 25.12 7.23 -1.00
C PHE B 400 26.05 6.14 -0.48
N PRO B 401 27.30 6.47 -0.07
CA PRO B 401 28.13 5.45 0.54
C PRO B 401 27.76 5.18 2.00
N GLN B 402 27.93 3.92 2.42
CA GLN B 402 27.86 3.62 3.85
C GLN B 402 29.03 2.73 4.18
N ILE B 403 29.24 2.52 5.48
CA ILE B 403 30.34 1.67 5.92
C ILE B 403 29.79 0.58 6.84
N ASP B 404 30.68 -0.27 7.36
CA ASP B 404 30.36 -1.14 8.49
C ASP B 404 30.38 -0.27 9.75
N ASN B 405 29.19 0.01 10.32
CA ASN B 405 29.01 0.97 11.41
C ASN B 405 29.69 0.58 12.72
N ARG B 406 30.14 -0.68 12.84
CA ARG B 406 31.02 -1.09 13.92
C ARG B 406 32.36 -0.34 13.92
N PHE B 407 32.69 0.34 12.80
CA PHE B 407 33.96 1.03 12.60
C PHE B 407 33.76 2.54 12.46
N MET B 408 32.61 3.06 12.93
CA MET B 408 32.34 4.49 12.81
C MET B 408 33.20 5.27 13.79
N GLY B 409 33.96 6.25 13.26
CA GLY B 409 34.79 7.11 14.08
C GLY B 409 36.16 6.50 14.37
N VAL B 410 36.48 5.37 13.72
CA VAL B 410 37.80 4.73 13.83
C VAL B 410 38.22 4.33 12.43
N GLU B 411 39.47 3.83 12.30
CA GLU B 411 39.91 3.34 11.01
C GLU B 411 38.93 2.30 10.45
N TYR B 412 38.56 2.46 9.16
CA TYR B 412 37.62 1.58 8.48
C TYR B 412 38.23 1.27 7.13
N SER B 413 37.73 0.19 6.48
CA SER B 413 38.22 -0.25 5.19
C SER B 413 37.10 -0.48 4.17
N SER B 414 35.98 -1.11 4.61
CA SER B 414 34.83 -1.39 3.76
C SER B 414 33.99 -0.13 3.52
N ALA B 415 33.67 0.12 2.24
CA ALA B 415 32.59 1.06 1.88
C ALA B 415 31.64 0.37 0.91
N PHE B 416 30.35 0.68 1.06
CA PHE B 416 29.29 0.14 0.23
C PHE B 416 28.69 1.32 -0.47
N ILE B 417 28.80 1.33 -1.81
CA ILE B 417 28.65 2.57 -2.55
C ILE B 417 27.61 2.34 -3.63
N ASN B 418 26.69 3.30 -3.76
CA ASN B 418 25.72 3.27 -4.84
C ASN B 418 26.44 3.84 -6.06
N VAL B 419 26.37 3.16 -7.21
CA VAL B 419 27.20 3.51 -8.35
C VAL B 419 26.41 3.48 -9.67
N PHE B 420 26.89 4.29 -10.64
CA PHE B 420 26.63 4.05 -12.05
C PHE B 420 27.58 2.91 -12.43
N VAL B 421 27.05 1.76 -12.88
CA VAL B 421 27.91 0.62 -13.15
C VAL B 421 28.80 0.93 -14.38
N PRO B 422 30.15 0.84 -14.27
CA PRO B 422 31.02 1.09 -15.42
C PRO B 422 30.60 0.28 -16.64
N ASP B 423 30.44 1.01 -17.76
CA ASP B 423 30.14 0.51 -19.09
C ASP B 423 28.68 0.06 -19.22
N ARG B 424 27.84 0.29 -18.20
CA ARG B 424 26.48 -0.26 -18.17
C ARG B 424 25.54 0.76 -17.54
N SER B 425 25.75 2.04 -17.85
CA SER B 425 25.05 3.15 -17.22
C SER B 425 25.18 4.34 -18.15
N ASP B 426 24.38 5.37 -17.93
CA ASP B 426 24.34 6.41 -18.95
C ASP B 426 25.65 7.23 -18.99
N GLY B 427 25.95 7.98 -17.92
CA GLY B 427 27.07 8.93 -17.81
C GLY B 427 26.57 10.40 -17.82
N ASN B 428 25.58 10.65 -18.71
CA ASN B 428 25.00 11.96 -18.89
C ASN B 428 23.82 12.23 -17.95
N LYS B 429 23.42 11.22 -17.16
CA LYS B 429 22.38 11.43 -16.15
C LYS B 429 23.00 12.15 -14.95
N ASN B 430 22.18 13.04 -14.34
CA ASN B 430 22.42 13.56 -13.00
C ASN B 430 22.78 12.40 -12.07
N VAL B 431 23.74 12.65 -11.15
CA VAL B 431 24.33 11.64 -10.27
C VAL B 431 23.26 10.87 -9.47
N PHE B 432 22.13 11.51 -9.17
CA PHE B 432 21.10 10.84 -8.37
C PHE B 432 20.15 10.01 -9.22
N GLN B 433 20.30 10.10 -10.55
CA GLN B 433 19.24 9.62 -11.44
C GLN B 433 19.70 8.42 -12.27
N GLY B 434 20.96 8.00 -12.16
CA GLY B 434 21.43 6.90 -13.00
C GLY B 434 22.07 5.76 -12.19
N LEU B 435 21.79 5.71 -10.88
CA LEU B 435 22.44 4.78 -9.97
C LEU B 435 21.82 3.40 -10.13
N ASN B 436 22.57 2.51 -10.78
CA ASN B 436 22.03 1.21 -11.17
C ASN B 436 22.90 0.07 -10.64
N GLY B 437 23.80 0.38 -9.70
CA GLY B 437 24.58 -0.70 -9.11
C GLY B 437 25.07 -0.39 -7.71
N LEU B 438 25.73 -1.38 -7.11
CA LEU B 438 26.41 -1.21 -5.83
C LEU B 438 27.87 -1.62 -6.02
N ALA B 439 28.75 -0.94 -5.29
CA ALA B 439 30.14 -1.37 -5.17
C ALA B 439 30.47 -1.72 -3.72
N HIS B 440 31.24 -2.80 -3.53
CA HIS B 440 31.88 -3.03 -2.25
C HIS B 440 33.38 -2.81 -2.40
N TYR B 441 33.84 -1.66 -1.89
CA TYR B 441 35.23 -1.25 -1.91
C TYR B 441 35.87 -1.58 -0.58
N LYS B 442 37.08 -2.18 -0.64
CA LYS B 442 37.82 -2.50 0.57
C LYS B 442 39.21 -1.85 0.43
N ARG B 443 39.47 -0.85 1.24
CA ARG B 443 40.69 -0.08 1.12
C ARG B 443 41.92 -0.96 1.42
N LYS B 444 41.83 -1.81 2.46
CA LYS B 444 42.97 -2.62 2.92
C LYS B 444 43.41 -3.61 1.84
N GLU B 445 42.47 -4.23 1.11
CA GLU B 445 42.75 -5.13 -0.01
C GLU B 445 42.91 -4.39 -1.33
N GLY B 446 42.42 -3.15 -1.40
CA GLY B 446 42.43 -2.37 -2.63
C GLY B 446 41.50 -2.94 -3.71
N THR B 447 40.48 -3.71 -3.29
CA THR B 447 39.57 -4.40 -4.23
C THR B 447 38.20 -3.71 -4.26
N THR B 448 37.53 -3.82 -5.41
CA THR B 448 36.14 -3.42 -5.56
C THR B 448 35.37 -4.55 -6.25
N GLU B 449 34.23 -4.91 -5.65
CA GLU B 449 33.30 -5.85 -6.24
C GLU B 449 32.01 -5.12 -6.58
N TRP B 450 31.29 -5.63 -7.58
CA TRP B 450 30.21 -4.86 -8.18
C TRP B 450 28.93 -5.69 -8.23
N TYR B 451 27.80 -5.05 -7.91
CA TYR B 451 26.47 -5.62 -8.05
C TYR B 451 25.70 -4.77 -9.06
N TYR B 452 25.12 -5.46 -10.08
CA TYR B 452 24.33 -4.77 -11.09
C TYR B 452 22.86 -4.98 -10.75
N ALA B 453 22.10 -3.86 -10.69
CA ALA B 453 20.68 -3.92 -10.30
C ALA B 453 19.83 -4.67 -11.31
N GLY B 454 20.23 -4.66 -12.60
CA GLY B 454 19.45 -5.31 -13.65
C GLY B 454 19.04 -4.29 -14.70
N ASP B 455 18.73 -4.78 -15.91
CA ASP B 455 18.24 -3.90 -16.97
C ASP B 455 16.89 -3.35 -16.53
N ASN B 456 16.66 -2.07 -16.85
CA ASN B 456 15.41 -1.37 -16.49
C ASN B 456 15.25 -1.35 -14.97
N CYS B 457 16.37 -1.26 -14.25
CA CYS B 457 16.36 -1.16 -12.79
C CYS B 457 17.27 -0.02 -12.34
N LEU B 458 16.86 0.59 -11.24
CA LEU B 458 17.73 1.42 -10.41
C LEU B 458 17.86 0.75 -9.04
N ILE B 459 18.95 1.09 -8.33
CA ILE B 459 19.11 0.60 -6.97
C ILE B 459 19.48 1.80 -6.09
N GLN B 460 19.04 1.77 -4.83
CA GLN B 460 19.21 2.86 -3.89
C GLN B 460 20.33 2.54 -2.91
N GLU B 461 20.47 3.41 -1.88
CA GLU B 461 21.61 3.35 -0.97
C GLU B 461 21.68 2.00 -0.28
N PRO B 462 22.87 1.38 -0.21
CA PRO B 462 23.02 0.12 0.50
C PRO B 462 23.21 0.32 2.00
N VAL B 463 22.80 -0.70 2.78
CA VAL B 463 23.11 -0.77 4.19
C VAL B 463 23.71 -2.14 4.47
N PHE B 464 24.52 -2.21 5.54
CA PHE B 464 25.25 -3.41 5.89
C PHE B 464 24.84 -3.95 7.25
N SER B 465 24.67 -5.27 7.31
CA SER B 465 24.42 -5.96 8.57
C SER B 465 25.53 -7.01 8.72
N PRO B 466 26.30 -6.98 9.83
CA PRO B 466 27.36 -7.97 10.00
C PRO B 466 26.78 -9.39 10.16
N ARG B 467 27.52 -10.39 9.68
CA ARG B 467 27.06 -11.77 9.73
C ARG B 467 26.75 -12.21 11.16
N SER B 468 27.57 -11.72 12.10
CA SER B 468 27.43 -11.87 13.55
C SER B 468 28.21 -10.72 14.19
N LYS B 469 28.05 -10.54 15.51
CA LYS B 469 28.63 -9.45 16.29
C LYS B 469 30.15 -9.35 16.08
N ASP B 470 30.82 -10.51 15.97
CA ASP B 470 32.27 -10.60 15.83
C ASP B 470 32.70 -11.03 14.42
N ALA B 471 31.82 -10.93 13.42
CA ALA B 471 32.21 -11.15 12.03
C ALA B 471 33.32 -10.17 11.64
N PRO B 472 34.28 -10.50 10.75
CA PRO B 472 35.24 -9.52 10.26
C PRO B 472 34.53 -8.31 9.62
N GLU B 473 35.25 -7.19 9.53
CA GLU B 473 34.70 -5.99 8.90
C GLU B 473 34.17 -6.29 7.51
N GLY B 474 32.91 -5.87 7.26
CA GLY B 474 32.38 -5.96 5.91
C GLY B 474 31.96 -7.39 5.53
N ASP B 475 31.92 -8.30 6.52
CA ASP B 475 31.47 -9.66 6.31
C ASP B 475 30.02 -9.79 6.81
N GLY B 476 29.11 -10.01 5.86
CA GLY B 476 27.71 -10.01 6.24
C GLY B 476 26.82 -9.78 5.03
N PHE B 477 25.77 -9.00 5.26
CA PHE B 477 24.73 -8.85 4.27
C PHE B 477 24.56 -7.37 3.92
N VAL B 478 24.39 -7.14 2.61
CA VAL B 478 24.09 -5.81 2.10
C VAL B 478 22.64 -5.82 1.59
N LEU B 479 21.88 -4.79 1.97
CA LEU B 479 20.48 -4.68 1.58
C LEU B 479 20.32 -3.35 0.87
N ALA B 480 19.43 -3.30 -0.14
CA ALA B 480 19.15 -2.05 -0.83
C ALA B 480 17.80 -2.17 -1.52
N ILE B 481 17.13 -1.03 -1.73
CA ILE B 481 15.89 -1.01 -2.48
C ILE B 481 16.19 -0.97 -3.99
N VAL B 482 15.53 -1.87 -4.73
CA VAL B 482 15.62 -1.90 -6.19
C VAL B 482 14.29 -1.42 -6.76
N ASP B 483 14.36 -0.49 -7.71
CA ASP B 483 13.20 -0.10 -8.52
C ASP B 483 13.14 -0.97 -9.75
N ARG B 484 12.10 -1.81 -9.85
CA ARG B 484 11.88 -2.64 -11.03
C ARG B 484 11.03 -1.79 -11.96
N LEU B 485 11.69 -0.95 -12.77
CA LEU B 485 11.01 0.17 -13.41
C LEU B 485 9.94 -0.27 -14.41
N ASP B 486 10.11 -1.44 -15.01
CA ASP B 486 9.13 -1.92 -15.98
C ASP B 486 8.02 -2.72 -15.29
N LEU B 487 8.12 -2.92 -13.96
CA LEU B 487 7.16 -3.74 -13.22
C LEU B 487 6.27 -2.89 -12.31
N ASN B 488 6.49 -1.56 -12.24
CA ASN B 488 5.89 -0.68 -11.23
C ASN B 488 5.96 -1.33 -9.84
N ARG B 489 7.15 -1.85 -9.46
CA ARG B 489 7.27 -2.31 -8.08
C ARG B 489 8.68 -2.04 -7.55
N SER B 490 8.78 -2.13 -6.23
CA SER B 490 10.04 -1.96 -5.52
C SER B 490 10.34 -3.27 -4.79
N GLU B 491 11.64 -3.53 -4.55
CA GLU B 491 12.06 -4.78 -3.96
C GLU B 491 13.22 -4.47 -3.04
N VAL B 492 13.45 -5.33 -2.05
CA VAL B 492 14.68 -5.21 -1.26
C VAL B 492 15.56 -6.36 -1.73
N VAL B 493 16.77 -6.05 -2.19
CA VAL B 493 17.69 -7.14 -2.50
C VAL B 493 18.54 -7.41 -1.25
N VAL B 494 18.94 -8.68 -1.07
CA VAL B 494 19.84 -9.11 -0.02
C VAL B 494 21.03 -9.79 -0.67
N ILE B 495 22.23 -9.31 -0.35
CA ILE B 495 23.47 -9.75 -0.98
C ILE B 495 24.37 -10.23 0.14
N ASP B 496 24.91 -11.44 -0.01
CA ASP B 496 25.97 -11.88 0.91
C ASP B 496 27.30 -11.35 0.38
N THR B 497 28.10 -10.68 1.24
CA THR B 497 29.39 -10.10 0.83
C THR B 497 30.41 -11.18 0.39
N ARG B 498 30.15 -12.45 0.72
CA ARG B 498 30.97 -13.56 0.24
C ARG B 498 30.79 -13.76 -1.27
N ASP B 499 29.66 -13.31 -1.85
CA ASP B 499 29.56 -13.19 -3.29
C ASP B 499 28.77 -11.95 -3.63
N PHE B 500 29.48 -10.83 -3.77
CA PHE B 500 28.82 -9.53 -3.88
C PHE B 500 28.04 -9.39 -5.19
N THR B 501 28.35 -10.23 -6.20
CA THR B 501 27.77 -10.02 -7.54
C THR B 501 26.34 -10.61 -7.61
N LYS B 502 25.94 -11.37 -6.60
CA LYS B 502 24.68 -12.14 -6.63
C LYS B 502 23.80 -11.81 -5.43
N ALA B 503 22.50 -11.59 -5.71
CA ALA B 503 21.51 -11.54 -4.64
C ALA B 503 21.18 -12.95 -4.14
N VAL B 504 21.11 -13.10 -2.82
CA VAL B 504 20.65 -14.34 -2.20
C VAL B 504 19.12 -14.33 -2.05
N ALA B 505 18.53 -13.14 -1.93
CA ALA B 505 17.09 -13.07 -1.71
C ALA B 505 16.58 -11.74 -2.22
N ALA B 506 15.28 -11.68 -2.50
CA ALA B 506 14.62 -10.43 -2.85
C ALA B 506 13.32 -10.39 -2.07
N VAL B 507 13.06 -9.24 -1.42
CA VAL B 507 11.80 -9.02 -0.73
C VAL B 507 10.95 -8.30 -1.75
N GLN B 508 9.77 -8.83 -2.06
CA GLN B 508 9.04 -8.35 -3.22
C GLN B 508 7.80 -7.63 -2.71
N LEU B 509 7.79 -6.29 -2.80
CA LEU B 509 6.55 -5.55 -2.56
C LEU B 509 5.57 -5.76 -3.70
N PRO B 510 4.25 -5.61 -3.44
CA PRO B 510 3.25 -5.65 -4.50
C PRO B 510 3.01 -4.30 -5.16
N PHE B 511 3.93 -3.37 -4.89
CA PHE B 511 3.82 -2.01 -5.42
C PHE B 511 5.21 -1.38 -5.40
N ALA B 512 5.29 -0.16 -5.96
CA ALA B 512 6.50 0.65 -5.87
C ALA B 512 6.36 1.66 -4.73
N ILE B 513 7.50 1.99 -4.12
CA ILE B 513 7.56 3.05 -3.14
C ILE B 513 8.43 4.16 -3.74
N ARG B 514 8.36 5.35 -3.15
CA ARG B 514 9.21 6.46 -3.60
C ARG B 514 10.68 6.07 -3.58
N SER B 515 11.45 6.59 -4.54
CA SER B 515 12.89 6.46 -4.40
C SER B 515 13.29 7.39 -3.25
N GLY B 516 14.10 6.87 -2.33
CA GLY B 516 14.34 7.58 -1.08
C GLY B 516 15.70 8.24 -1.02
N ILE B 517 16.05 8.67 0.18
CA ILE B 517 17.29 9.36 0.41
C ILE B 517 18.19 8.37 1.14
N HIS B 518 18.21 8.42 2.48
CA HIS B 518 18.99 7.46 3.23
C HIS B 518 18.10 6.37 3.84
N GLY B 519 18.79 5.32 4.28
CA GLY B 519 18.20 4.28 5.09
C GLY B 519 19.27 3.78 6.04
N GLN B 520 18.86 2.96 7.02
CA GLN B 520 19.84 2.51 7.98
C GLN B 520 19.48 1.06 8.31
N TRP B 521 20.53 0.24 8.49
CA TRP B 521 20.33 -1.01 9.19
C TRP B 521 20.38 -0.75 10.69
N ILE B 522 19.26 -1.04 11.38
CA ILE B 522 19.19 -0.86 12.82
C ILE B 522 19.09 -2.24 13.45
N PRO B 523 20.14 -2.70 14.16
CA PRO B 523 20.11 -4.02 14.79
C PRO B 523 18.97 -4.12 15.80
N GLY B 524 18.38 -5.33 15.87
CA GLY B 524 17.29 -5.60 16.81
C GLY B 524 17.71 -5.34 18.27
N GLU B 525 19.01 -5.61 18.54
CA GLU B 525 19.61 -5.46 19.87
C GLU B 525 19.55 -4.02 20.40
N VAL B 526 19.51 -3.01 19.52
CA VAL B 526 19.48 -1.62 19.94
C VAL B 526 18.08 -1.01 19.80
N THR B 527 17.09 -1.83 19.40
CA THR B 527 15.72 -1.36 19.24
C THR B 527 14.93 -1.76 20.48
N PRO B 528 14.36 -0.80 21.25
CA PRO B 528 13.55 -1.15 22.41
C PRO B 528 12.38 -2.05 22.01
N ASP B 529 12.19 -3.13 22.78
CA ASP B 529 11.06 -4.03 22.62
C ASP B 529 11.06 -4.78 21.28
N PHE B 530 12.24 -4.93 20.65
CA PHE B 530 12.37 -5.64 19.39
C PHE B 530 11.86 -7.07 19.58
N GLU B 531 12.09 -7.66 20.76
CA GLU B 531 11.73 -9.06 21.01
C GLU B 531 10.24 -9.22 21.24
N THR B 532 9.49 -8.15 21.51
CA THR B 532 8.08 -8.29 21.86
C THR B 532 7.13 -7.58 20.91
N LYS B 533 7.64 -6.65 20.11
CA LYS B 533 6.79 -5.85 19.24
C LYS B 533 7.25 -6.02 17.81
N GLY B 534 6.29 -6.31 16.93
CA GLY B 534 6.64 -6.36 15.51
C GLY B 534 6.18 -5.04 14.90
N LEU B 535 6.38 -4.92 13.58
CA LEU B 535 5.86 -3.74 12.87
C LEU B 535 4.35 -3.87 12.72
N VAL B 536 3.80 -5.10 12.82
CA VAL B 536 2.37 -5.30 12.68
C VAL B 536 1.87 -5.93 13.98
N ASP B 537 0.85 -5.33 14.62
CA ASP B 537 0.35 -5.93 15.85
C ASP B 537 -0.47 -7.17 15.52
N LEU B 538 -0.20 -8.25 16.25
CA LEU B 538 -0.88 -9.52 16.02
C LEU B 538 -2.33 -9.39 16.46
N PRO B 539 -3.27 -10.07 15.76
CA PRO B 539 -4.64 -10.11 16.26
C PRO B 539 -4.70 -10.93 17.54
N LYS B 540 -5.82 -10.81 18.25
CA LYS B 540 -5.98 -11.51 19.52
C LYS B 540 -6.06 -13.02 19.25
N GLU B 541 -5.67 -13.80 20.27
CA GLU B 541 -5.71 -15.24 20.13
C GLU B 541 -7.15 -15.79 20.22
N GLU B 542 -7.94 -15.28 21.16
CA GLU B 542 -9.29 -15.76 21.45
C GLU B 542 -10.12 -15.73 20.18
N HIS B 543 -10.83 -16.83 19.89
CA HIS B 543 -11.77 -16.83 18.77
C HIS B 543 -12.92 -15.86 19.02
N TRP B 544 -13.38 -15.21 17.94
CA TRP B 544 -14.62 -14.46 17.95
C TRP B 544 -15.79 -15.41 18.06
N ALA B 545 -15.75 -16.56 17.35
CA ALA B 545 -16.97 -17.34 17.20
C ALA B 545 -16.99 -18.45 18.25
N PRO B 546 -18.19 -18.88 18.69
CA PRO B 546 -18.30 -20.03 19.59
C PRO B 546 -18.04 -21.35 18.88
N LEU B 547 -17.66 -22.37 19.67
CA LEU B 547 -17.46 -23.74 19.19
C LEU B 547 -18.66 -24.24 18.36
N SER B 548 -19.86 -23.89 18.81
CA SER B 548 -21.13 -24.36 18.27
C SER B 548 -21.35 -23.91 16.82
N GLN B 549 -20.62 -22.87 16.38
CA GLN B 549 -20.80 -22.35 15.04
C GLN B 549 -19.98 -23.10 13.99
N SER B 550 -19.04 -23.99 14.41
CA SER B 550 -18.21 -24.68 13.43
C SER B 550 -19.09 -25.54 12.53
N PRO B 551 -18.84 -25.56 11.21
CA PRO B 551 -19.56 -26.48 10.33
C PRO B 551 -19.22 -27.94 10.60
N TYR B 552 -18.03 -28.17 11.16
CA TYR B 552 -17.50 -29.49 11.41
C TYR B 552 -18.01 -30.02 12.74
N ASP B 553 -18.46 -31.28 12.68
CA ASP B 553 -18.87 -32.03 13.84
C ASP B 553 -17.99 -33.28 13.93
N PRO B 554 -17.20 -33.49 15.01
CA PRO B 554 -16.35 -34.67 15.09
C PRO B 554 -17.10 -36.00 15.12
N ASP B 555 -18.41 -35.95 15.42
CA ASP B 555 -19.26 -37.12 15.43
C ASP B 555 -19.88 -37.45 14.08
N ALA B 556 -19.83 -36.52 13.11
CA ALA B 556 -20.52 -36.68 11.84
C ALA B 556 -19.77 -37.65 10.91
CAI V55 C . -18.96 -17.07 -4.99
CAG V55 C . -17.94 -16.41 -4.26
CAK V55 C . -17.47 -16.93 -3.06
CAJ V55 C . -18.09 -18.06 -2.51
CAF V55 C . -19.12 -18.69 -3.20
OAB V55 C . -19.00 -15.41 -6.67
CAE V55 C . -19.53 -18.21 -4.45
CAD V55 C . -19.39 -16.52 -6.27
CAA V55 C . -15.78 -15.25 -2.87
OAH V55 C . -16.48 -16.36 -2.30
OAC V55 C . -17.70 -18.52 -1.28
C1 GOL D . -35.02 -28.08 14.26
O1 GOL D . -35.14 -28.70 12.97
C2 GOL D . -34.21 -26.81 14.13
O2 GOL D . -34.83 -26.06 13.08
C3 GOL D . -34.06 -25.97 15.37
O3 GOL D . -32.73 -25.50 15.50
C1 GOL E . -20.85 -17.33 -27.55
O1 GOL E . -21.20 -18.39 -26.66
C2 GOL E . -21.86 -17.05 -28.63
O2 GOL E . -23.20 -17.34 -28.20
C3 GOL E . -21.71 -15.68 -29.25
O3 GOL E . -22.92 -14.92 -29.20
C1 GOL F . 1.47 -16.37 -6.10
O1 GOL F . 0.17 -16.37 -6.73
C2 GOL F . 2.55 -15.84 -7.02
O2 GOL F . 3.82 -15.75 -6.37
C3 GOL F . 2.75 -16.66 -8.27
O3 GOL F . 1.82 -16.25 -9.27
C1 GOL G . -5.18 15.34 -4.14
O1 GOL G . -4.57 14.08 -4.37
C2 GOL G . -6.30 15.69 -5.13
O2 GOL G . -6.09 16.97 -5.75
C3 GOL G . -6.56 14.65 -6.18
O3 GOL G . -5.51 14.62 -7.15
C1 GOL H . -31.32 -21.03 -23.87
O1 GOL H . -32.05 -22.24 -23.67
C2 GOL H . -31.72 -19.94 -22.87
O2 GOL H . -30.75 -18.91 -22.85
C3 GOL H . -33.09 -19.34 -23.11
O3 GOL H . -34.13 -20.29 -22.89
FE FE2 I . -21.87 -13.25 -5.13
CAI V55 J . 20.03 16.47 0.66
CAG V55 J . 18.75 15.98 0.92
CAK V55 J . 17.83 16.74 1.62
CAJ V55 J . 18.22 18.00 2.15
CAF V55 J . 19.50 18.47 1.92
OAB V55 J . 20.83 14.42 -0.37
CAE V55 J . 20.38 17.72 1.16
CAD V55 J . 20.99 15.63 -0.10
CAA V55 J . 16.03 15.15 1.32
OAH V55 J . 16.53 16.35 1.89
OAC V55 J . 17.35 18.73 2.90
C1 GOL K . 7.45 -15.24 1.60
O1 GOL K . 7.22 -15.39 0.22
C2 GOL K . 6.17 -15.20 2.38
O2 GOL K . 6.55 -14.98 3.72
C3 GOL K . 5.07 -14.27 1.87
O3 GOL K . 4.00 -14.16 2.80
FE FE2 L . 22.46 12.95 2.88
#